data_6OMI
#
_entry.id   6OMI
#
_cell.length_a   97.619
_cell.length_b   138.009
_cell.length_c   108.523
_cell.angle_alpha   90.00
_cell.angle_beta   92.23
_cell.angle_gamma   90.00
#
_symmetry.space_group_name_H-M   'C 1 2 1'
#
loop_
_entity.id
_entity.type
_entity.pdbx_description
1 polymer MavL
2 non-polymer 'BROMIDE ION'
3 water water
#
_entity_poly.entity_id   1
_entity_poly.type   'polypeptide(L)'
_entity_poly.pdbx_seq_one_letter_code
;NAAYQLLLSKETLNKILQYKQNLEKGLATPGKFFLEELSKQEKSISE(MSE)DITTFTQLLIQSKKPQVFAESQVYHDGT
DWTLEEESILGDVSVN(MSE)PVT(MSE)YNDGGHGSSFKNHPKPISGYLAYVPGALLASGSGPTSD(MSE)KEVLDNGK
LNQDKLNALYERRLLPQLIHFNELARQNEKQAAITIPGIGTGCFSGAYYDVIKPYVRNALIHILEKHKDSLPYIDIIHYD
PY(MSE)GDEPAEKKIGH(MSE)SFRVSPSGVVRGTTGQLDYPLGSNPDTHILVSIVAWDHFSWPGNDYWGGARQTDDGV
KAASTDT(MSE)GQVTGATGVYDKKWGRY(MSE)PPESFTKDRKG(MSE)SDWGDYVRENGIVFNGPVLALDKSGKLDTL
ENVASRSSKAKVETTTTISDLVRS(MSE)FSLFSHS
;
_entity_poly.pdbx_strand_id   A,B,C
#
loop_
_chem_comp.id
_chem_comp.type
_chem_comp.name
_chem_comp.formula
BR non-polymer 'BROMIDE ION' 'Br -1'
#
# COMPACT_ATOMS: atom_id res chain seq x y z
N ALA A 2 18.43 -26.38 -15.64
CA ALA A 2 17.75 -25.16 -16.08
C ALA A 2 18.45 -24.54 -17.28
N ALA A 3 17.91 -23.42 -17.76
CA ALA A 3 18.49 -22.74 -18.91
C ALA A 3 19.44 -21.60 -18.55
N TYR A 4 19.36 -21.07 -17.33
CA TYR A 4 20.24 -20.01 -16.88
C TYR A 4 21.39 -20.57 -16.06
N GLN A 5 22.36 -19.71 -15.76
CA GLN A 5 23.54 -20.13 -15.02
C GLN A 5 24.08 -18.94 -14.23
N LEU A 6 24.30 -19.13 -12.94
CA LEU A 6 24.70 -18.05 -12.04
C LEU A 6 26.21 -18.06 -11.79
N LEU A 7 26.77 -16.86 -11.63
CA LEU A 7 28.19 -16.65 -11.41
C LEU A 7 28.40 -15.65 -10.27
N LEU A 8 29.53 -15.82 -9.57
CA LEU A 8 29.93 -14.94 -8.49
C LEU A 8 31.45 -14.92 -8.41
N SER A 9 31.99 -13.88 -7.77
CA SER A 9 33.43 -13.69 -7.70
C SER A 9 34.02 -14.52 -6.56
N LYS A 10 35.27 -14.23 -6.19
CA LYS A 10 35.97 -14.97 -5.14
C LYS A 10 35.77 -14.35 -3.77
N GLU A 11 35.85 -13.02 -3.66
CA GLU A 11 35.50 -12.34 -2.42
C GLU A 11 34.07 -12.68 -2.02
N THR A 12 33.19 -12.87 -3.01
CA THR A 12 31.83 -13.32 -2.74
C THR A 12 31.83 -14.68 -2.07
N LEU A 13 32.68 -15.60 -2.54
CA LEU A 13 32.74 -16.93 -1.93
C LEU A 13 33.32 -16.85 -0.52
N ASN A 14 34.28 -15.95 -0.29
CA ASN A 14 34.78 -15.73 1.06
C ASN A 14 33.66 -15.25 2.00
N LYS A 15 32.90 -14.25 1.55
CA LYS A 15 31.77 -13.78 2.35
C LYS A 15 30.75 -14.90 2.58
N ILE A 16 30.52 -15.72 1.56
CA ILE A 16 29.53 -16.80 1.67
C ILE A 16 29.98 -17.80 2.73
N LEU A 17 31.24 -18.23 2.67
CA LEU A 17 31.72 -19.20 3.65
C LEU A 17 31.79 -18.61 5.05
N GLN A 18 32.10 -17.32 5.18
CA GLN A 18 32.10 -16.70 6.50
C GLN A 18 30.69 -16.64 7.09
N TYR A 19 29.70 -16.24 6.29
CA TYR A 19 28.33 -16.20 6.77
C TYR A 19 27.82 -17.61 7.08
N LYS A 20 28.22 -18.59 6.27
CA LYS A 20 27.83 -19.97 6.51
C LYS A 20 28.44 -20.49 7.82
N GLN A 21 29.70 -20.16 8.08
CA GLN A 21 30.34 -20.57 9.33
C GLN A 21 29.68 -19.91 10.52
N ASN A 22 29.31 -18.63 10.40
CA ASN A 22 28.62 -17.96 11.49
C ASN A 22 27.23 -18.55 11.72
N LEU A 23 26.61 -19.08 10.66
CA LEU A 23 25.32 -19.75 10.79
C LEU A 23 25.44 -21.16 11.38
N GLU A 24 26.51 -21.88 11.05
CA GLU A 24 26.68 -23.25 11.53
C GLU A 24 26.74 -23.29 13.05
N LYS A 25 27.34 -22.28 13.68
CA LYS A 25 27.49 -22.20 15.12
C LYS A 25 28.05 -20.84 15.51
N GLY A 26 27.18 -19.86 15.70
CA GLY A 26 27.62 -18.55 16.12
C GLY A 26 26.46 -17.61 16.29
N LEU A 27 26.78 -16.34 16.54
CA LEU A 27 25.77 -15.31 16.80
C LEU A 27 25.42 -14.64 15.48
N ALA A 28 24.56 -15.32 14.72
CA ALA A 28 24.09 -14.80 13.44
C ALA A 28 22.84 -15.56 13.06
N THR A 29 21.71 -14.84 12.97
CA THR A 29 20.40 -15.35 12.61
C THR A 29 20.11 -15.09 11.13
N PRO A 30 19.56 -16.06 10.40
CA PRO A 30 19.22 -15.82 9.00
C PRO A 30 18.08 -14.82 8.88
N GLY A 31 17.77 -14.48 7.63
CA GLY A 31 16.66 -13.59 7.37
C GLY A 31 15.35 -14.32 7.22
N LYS A 32 14.26 -13.55 7.19
CA LYS A 32 12.92 -14.15 7.10
C LYS A 32 12.78 -14.96 5.82
N PHE A 33 13.15 -14.36 4.68
CA PHE A 33 12.98 -15.05 3.41
C PHE A 33 13.99 -16.20 3.27
N PHE A 34 15.21 -16.00 3.77
CA PHE A 34 16.21 -17.06 3.73
C PHE A 34 15.79 -18.26 4.57
N LEU A 35 15.42 -18.01 5.83
CA LEU A 35 14.94 -19.09 6.69
C LEU A 35 13.68 -19.73 6.13
N GLU A 36 12.81 -18.93 5.50
CA GLU A 36 11.61 -19.47 4.88
C GLU A 36 11.96 -20.46 3.78
N GLU A 37 12.87 -20.08 2.90
CA GLU A 37 13.27 -20.98 1.83
C GLU A 37 14.01 -22.19 2.38
N LEU A 38 14.79 -22.00 3.45
CA LEU A 38 15.44 -23.13 4.12
C LEU A 38 14.40 -24.08 4.71
N SER A 39 13.40 -23.52 5.40
CA SER A 39 12.38 -24.35 6.04
C SER A 39 11.44 -24.96 5.01
N LYS A 40 12.00 -25.65 4.01
CA LYS A 40 11.20 -26.37 3.03
C LYS A 40 11.98 -27.60 2.56
N GLN A 41 13.24 -27.68 2.97
CA GLN A 41 14.11 -28.81 2.65
C GLN A 41 14.46 -29.56 3.95
N GLU A 42 15.50 -30.40 3.89
CA GLU A 42 15.91 -31.23 5.03
C GLU A 42 17.44 -31.30 5.09
N LYS A 43 18.06 -30.20 5.54
CA LYS A 43 19.51 -30.11 5.62
C LYS A 43 19.87 -28.94 6.52
N SER A 44 21.16 -28.86 6.85
CA SER A 44 21.68 -27.78 7.68
C SER A 44 23.17 -27.59 7.46
N ILE A 45 23.94 -28.66 7.64
CA ILE A 45 25.38 -28.61 7.45
C ILE A 45 25.84 -29.69 6.49
N ASP A 49 27.10 -29.38 -0.58
CA ASP A 49 26.29 -28.64 0.38
C ASP A 49 26.49 -27.13 0.25
N ILE A 50 27.69 -26.73 -0.16
CA ILE A 50 27.99 -25.31 -0.33
C ILE A 50 27.16 -24.72 -1.47
N THR A 51 27.12 -25.44 -2.60
CA THR A 51 26.33 -24.96 -3.73
C THR A 51 24.84 -25.01 -3.43
N THR A 52 24.40 -25.91 -2.55
CA THR A 52 22.99 -25.95 -2.19
C THR A 52 22.63 -24.84 -1.21
N PHE A 53 23.54 -24.53 -0.29
CA PHE A 53 23.37 -23.37 0.58
C PHE A 53 23.24 -22.10 -0.26
N THR A 54 24.15 -21.90 -1.20
CA THR A 54 24.09 -20.71 -2.05
C THR A 54 22.85 -20.72 -2.95
N GLN A 55 22.45 -21.90 -3.45
CA GLN A 55 21.27 -21.98 -4.29
C GLN A 55 20.02 -21.60 -3.53
N LEU A 56 19.91 -22.02 -2.27
CA LEU A 56 18.72 -21.66 -1.49
C LEU A 56 18.75 -20.18 -1.13
N LEU A 57 19.93 -19.63 -0.84
CA LEU A 57 20.03 -18.20 -0.58
C LEU A 57 19.59 -17.39 -1.79
N ILE A 58 19.99 -17.83 -2.99
CA ILE A 58 19.55 -17.16 -4.20
C ILE A 58 18.05 -17.39 -4.41
N GLN A 59 17.55 -18.58 -4.07
CA GLN A 59 16.13 -18.87 -4.21
C GLN A 59 15.28 -18.00 -3.32
N SER A 60 15.86 -17.42 -2.25
CA SER A 60 15.11 -16.51 -1.41
C SER A 60 14.59 -15.30 -2.16
N LYS A 61 15.18 -14.97 -3.32
CA LYS A 61 14.73 -13.83 -4.11
C LYS A 61 13.31 -14.06 -4.61
N LYS A 62 12.52 -12.99 -4.66
CA LYS A 62 11.16 -13.01 -5.13
C LYS A 62 11.08 -12.53 -6.58
N PRO A 63 10.03 -12.91 -7.32
CA PRO A 63 9.98 -12.52 -8.74
C PRO A 63 10.03 -11.02 -8.97
N GLN A 64 9.34 -10.23 -8.17
CA GLN A 64 9.27 -8.78 -8.38
C GLN A 64 9.45 -8.09 -7.04
N VAL A 65 10.56 -7.35 -6.89
CA VAL A 65 10.88 -6.67 -5.65
C VAL A 65 11.37 -5.26 -5.97
N PHE A 66 10.90 -4.28 -5.19
CA PHE A 66 11.43 -2.92 -5.28
C PHE A 66 12.63 -2.85 -4.33
N ALA A 67 13.82 -3.15 -4.86
CA ALA A 67 15.01 -3.21 -4.02
C ALA A 67 15.39 -1.84 -3.48
N GLU A 68 14.84 -0.77 -4.04
CA GLU A 68 15.19 0.60 -3.72
C GLU A 68 14.29 1.23 -2.65
N SER A 69 13.30 0.48 -2.13
CA SER A 69 12.34 1.08 -1.21
C SER A 69 11.66 0.07 -0.29
N GLN A 70 11.60 -1.20 -0.70
CA GLN A 70 10.82 -2.20 0.03
C GLN A 70 11.63 -3.05 1.02
N VAL A 71 12.92 -2.77 1.18
CA VAL A 71 13.78 -3.60 2.01
C VAL A 71 14.20 -2.82 3.24
N TYR A 72 14.18 -3.48 4.40
CA TYR A 72 14.55 -2.86 5.66
C TYR A 72 15.93 -3.27 6.15
N HIS A 73 16.59 -4.19 5.45
CA HIS A 73 17.97 -4.59 5.75
C HIS A 73 18.10 -5.12 7.17
N ASP A 74 17.23 -6.07 7.52
CA ASP A 74 17.29 -6.71 8.82
C ASP A 74 16.60 -8.07 8.71
N GLY A 75 16.12 -8.59 9.84
CA GLY A 75 15.46 -9.89 9.86
C GLY A 75 14.14 -9.94 9.12
N THR A 76 13.51 -8.78 8.91
CA THR A 76 12.19 -8.76 8.28
C THR A 76 12.24 -9.30 6.85
N ASP A 77 13.34 -9.05 6.15
CA ASP A 77 13.49 -9.54 4.78
C ASP A 77 14.86 -10.19 4.57
N TRP A 78 15.89 -9.37 4.45
CA TRP A 78 17.25 -9.86 4.24
C TRP A 78 18.22 -9.10 5.14
N THR A 79 19.13 -9.84 5.78
CA THR A 79 20.16 -9.20 6.57
C THR A 79 21.20 -8.54 5.65
N LEU A 80 22.10 -7.77 6.27
CA LEU A 80 23.11 -7.07 5.47
C LEU A 80 24.13 -8.01 4.87
N GLU A 81 24.45 -9.11 5.55
CA GLU A 81 25.37 -10.09 4.96
C GLU A 81 24.71 -10.79 3.78
N GLU A 82 23.46 -11.20 3.93
CA GLU A 82 22.72 -11.80 2.83
C GLU A 82 22.64 -10.84 1.65
N GLU A 83 22.46 -9.54 1.92
CA GLU A 83 22.34 -8.56 0.84
C GLU A 83 23.69 -8.33 0.17
N SER A 84 24.77 -8.25 0.95
CA SER A 84 26.11 -8.11 0.39
C SER A 84 26.47 -9.31 -0.47
N ILE A 85 25.94 -10.48 -0.16
CA ILE A 85 26.19 -11.66 -0.98
C ILE A 85 25.32 -11.62 -2.25
N LEU A 86 24.02 -11.35 -2.08
CA LEU A 86 23.10 -11.42 -3.22
C LEU A 86 23.40 -10.35 -4.27
N GLY A 87 23.90 -9.18 -3.85
CA GLY A 87 24.19 -8.13 -4.81
C GLY A 87 25.32 -8.48 -5.76
N ASP A 88 26.12 -9.48 -5.45
CA ASP A 88 27.26 -9.87 -6.26
C ASP A 88 26.98 -11.08 -7.14
N VAL A 89 25.73 -11.53 -7.22
CA VAL A 89 25.37 -12.73 -7.96
C VAL A 89 24.84 -12.32 -9.31
N SER A 90 25.51 -12.74 -10.38
CA SER A 90 25.05 -12.51 -11.73
C SER A 90 24.46 -13.78 -12.32
N VAL A 91 23.70 -13.64 -13.39
CA VAL A 91 23.09 -14.80 -14.05
C VAL A 91 23.07 -14.57 -15.55
N ASN A 92 23.58 -15.53 -16.32
CA ASN A 92 23.60 -15.46 -17.77
C ASN A 92 22.70 -16.53 -18.37
N MSE A 93 22.07 -16.18 -19.49
CA MSE A 93 21.16 -17.08 -20.20
C MSE A 93 21.29 -16.92 -21.71
O MSE A 93 21.63 -15.85 -22.20
CB MSE A 93 19.71 -16.81 -19.81
CG MSE A 93 19.47 -16.31 -18.39
SE MSE A 93 17.75 -15.41 -18.26
CE MSE A 93 16.98 -16.08 -19.92
N PRO A 94 21.02 -18.00 -22.45
CA PRO A 94 20.79 -17.86 -23.90
C PRO A 94 19.36 -17.38 -24.14
N VAL A 95 19.21 -16.38 -25.00
CA VAL A 95 17.92 -15.76 -25.23
C VAL A 95 17.67 -15.59 -26.72
N THR A 96 16.40 -15.37 -27.05
CA THR A 96 15.96 -15.01 -28.40
C THR A 96 15.42 -13.59 -28.32
N MSE A 97 16.27 -12.62 -28.65
CA MSE A 97 15.88 -11.22 -28.65
C MSE A 97 14.91 -10.95 -29.79
O MSE A 97 15.22 -11.19 -30.96
CB MSE A 97 17.11 -10.32 -28.78
CG MSE A 97 18.13 -10.52 -27.67
SE MSE A 97 19.93 -9.99 -28.18
CE MSE A 97 20.84 -10.30 -26.48
N TYR A 98 13.72 -10.47 -29.43
CA TYR A 98 12.66 -10.23 -30.41
C TYR A 98 12.65 -8.81 -30.95
N ASN A 99 13.09 -7.83 -30.16
CA ASN A 99 13.20 -6.45 -30.62
C ASN A 99 14.49 -5.85 -30.08
N ASP A 100 14.74 -4.59 -30.43
CA ASP A 100 15.98 -3.90 -30.10
C ASP A 100 16.08 -3.51 -28.63
N GLY A 101 15.03 -3.71 -27.84
CA GLY A 101 15.06 -3.34 -26.44
C GLY A 101 14.72 -1.91 -26.14
N GLY A 102 14.04 -1.21 -27.06
CA GLY A 102 13.66 0.16 -26.81
C GLY A 102 12.54 0.27 -25.80
N HIS A 103 12.56 1.35 -25.03
CA HIS A 103 11.55 1.57 -24.01
C HIS A 103 10.29 2.20 -24.62
N GLY A 104 9.16 1.97 -23.96
CA GLY A 104 7.90 2.50 -24.44
C GLY A 104 7.53 1.90 -25.78
N SER A 105 7.06 2.76 -26.69
CA SER A 105 6.71 2.34 -28.04
C SER A 105 7.87 2.48 -29.01
N SER A 106 9.05 2.85 -28.53
CA SER A 106 10.21 3.08 -29.37
C SER A 106 10.90 1.80 -29.80
N PHE A 107 10.39 0.63 -29.41
CA PHE A 107 11.00 -0.63 -29.79
C PHE A 107 10.71 -0.95 -31.25
N LYS A 108 11.69 -1.52 -31.93
CA LYS A 108 11.56 -1.95 -33.31
C LYS A 108 11.71 -3.45 -33.37
N ASN A 109 10.68 -4.14 -33.85
CA ASN A 109 10.70 -5.59 -33.90
C ASN A 109 11.74 -6.07 -34.91
N HIS A 110 12.53 -7.05 -34.52
CA HIS A 110 13.45 -7.68 -35.45
C HIS A 110 12.67 -8.46 -36.49
N PRO A 111 12.97 -8.30 -37.78
CA PRO A 111 12.30 -9.14 -38.79
C PRO A 111 12.45 -10.63 -38.49
N LYS A 112 13.69 -11.08 -38.30
CA LYS A 112 13.96 -12.41 -37.78
C LYS A 112 14.54 -12.26 -36.38
N PRO A 113 13.93 -12.86 -35.35
CA PRO A 113 14.46 -12.69 -33.99
C PRO A 113 15.90 -13.18 -33.88
N ILE A 114 16.70 -12.41 -33.16
CA ILE A 114 18.13 -12.66 -33.04
C ILE A 114 18.39 -13.67 -31.92
N SER A 115 19.36 -14.55 -32.13
CA SER A 115 19.79 -15.46 -31.08
C SER A 115 20.98 -14.83 -30.36
N GLY A 116 20.85 -14.61 -29.06
CA GLY A 116 21.91 -13.97 -28.32
C GLY A 116 21.97 -14.42 -26.88
N TYR A 117 22.60 -13.61 -26.02
CA TYR A 117 22.77 -13.97 -24.62
C TYR A 117 22.54 -12.75 -23.74
N LEU A 118 21.98 -13.00 -22.56
CA LEU A 118 21.79 -11.96 -21.55
C LEU A 118 22.61 -12.27 -20.32
N ALA A 119 23.09 -11.21 -19.67
CA ALA A 119 23.86 -11.32 -18.44
C ALA A 119 23.31 -10.30 -17.44
N TYR A 120 22.45 -10.75 -16.53
CA TYR A 120 21.91 -9.90 -15.48
C TYR A 120 22.97 -9.73 -14.41
N VAL A 121 23.40 -8.49 -14.18
CA VAL A 121 24.39 -8.12 -13.19
C VAL A 121 23.77 -7.05 -12.31
N PRO A 122 23.71 -7.23 -10.99
CA PRO A 122 23.09 -6.22 -10.13
C PRO A 122 24.02 -5.05 -9.90
N GLY A 123 23.50 -3.84 -10.14
CA GLY A 123 24.30 -2.63 -9.97
C GLY A 123 24.41 -2.22 -8.52
N ALA A 124 25.19 -1.16 -8.30
CA ALA A 124 25.40 -0.65 -6.96
C ALA A 124 24.10 -0.06 -6.41
N LEU A 125 23.68 -0.58 -5.25
CA LEU A 125 22.45 -0.12 -4.60
C LEU A 125 22.80 1.02 -3.65
N LEU A 126 22.47 2.25 -4.06
CA LEU A 126 22.78 3.44 -3.27
C LEU A 126 21.51 4.18 -2.87
N ALA A 127 20.42 3.44 -2.66
CA ALA A 127 19.16 4.04 -2.24
C ALA A 127 18.33 2.99 -1.53
N SER A 128 17.67 3.40 -0.44
CA SER A 128 16.79 2.51 0.30
C SER A 128 15.83 3.35 1.13
N GLY A 129 14.62 2.83 1.30
CA GLY A 129 13.63 3.51 2.13
C GLY A 129 13.88 3.42 3.61
N SER A 130 14.76 2.52 4.05
CA SER A 130 15.07 2.38 5.47
C SER A 130 16.47 2.91 5.78
N GLY A 131 17.35 2.02 6.25
CA GLY A 131 18.68 2.40 6.64
C GLY A 131 19.70 2.17 5.52
N PRO A 132 20.97 2.39 5.83
CA PRO A 132 22.01 2.21 4.82
C PRO A 132 22.09 0.76 4.34
N THR A 133 22.40 0.61 3.06
CA THR A 133 22.57 -0.70 2.46
C THR A 133 24.02 -1.15 2.54
N SER A 134 24.27 -2.40 2.14
CA SER A 134 25.63 -2.92 2.16
C SER A 134 26.50 -2.18 1.16
N ASP A 135 26.01 -2.02 -0.07
CA ASP A 135 26.76 -1.29 -1.09
C ASP A 135 27.10 0.12 -0.61
N MSE A 136 26.12 0.80 -0.02
CA MSE A 136 26.34 2.12 0.57
C MSE A 136 27.41 2.04 1.65
O MSE A 136 28.29 2.90 1.72
CB MSE A 136 25.04 2.67 1.16
CG MSE A 136 23.97 2.97 0.12
SE MSE A 136 22.37 3.75 0.92
CE MSE A 136 23.17 5.35 1.69
N LYS A 137 27.35 1.00 2.49
CA LYS A 137 28.36 0.83 3.51
C LYS A 137 29.73 0.49 2.92
N GLU A 138 29.76 0.06 1.66
CA GLU A 138 31.00 -0.38 1.03
C GLU A 138 31.70 0.75 0.28
N VAL A 139 30.95 1.48 -0.56
CA VAL A 139 31.54 2.42 -1.51
C VAL A 139 31.33 3.87 -1.10
N LEU A 140 30.86 4.12 0.12
CA LEU A 140 30.66 5.48 0.60
C LEU A 140 31.60 5.73 1.78
N ASP A 141 32.26 6.89 1.76
CA ASP A 141 33.14 7.32 2.84
C ASP A 141 32.70 8.73 3.23
N ASN A 142 31.89 8.82 4.28
CA ASN A 142 31.35 10.09 4.76
C ASN A 142 30.60 10.83 3.66
N GLY A 143 29.64 10.12 3.04
CA GLY A 143 28.81 10.71 2.01
C GLY A 143 29.42 10.70 0.62
N LYS A 144 30.74 10.78 0.53
CA LYS A 144 31.40 10.81 -0.76
C LYS A 144 31.44 9.43 -1.39
N LEU A 145 31.36 9.39 -2.71
CA LEU A 145 31.37 8.14 -3.47
C LEU A 145 32.81 7.83 -3.88
N ASN A 146 33.38 6.76 -3.36
CA ASN A 146 34.74 6.37 -3.66
C ASN A 146 34.79 5.71 -5.03
N GLN A 147 35.60 6.28 -5.94
CA GLN A 147 35.67 5.73 -7.30
C GLN A 147 36.30 4.35 -7.32
N ASP A 148 37.40 4.17 -6.58
CA ASP A 148 38.11 2.89 -6.61
C ASP A 148 37.27 1.77 -5.99
N LYS A 149 36.54 2.06 -4.91
CA LYS A 149 35.69 1.06 -4.31
C LYS A 149 34.56 0.64 -5.26
N LEU A 150 33.98 1.61 -5.96
CA LEU A 150 32.96 1.28 -6.96
C LEU A 150 33.55 0.46 -8.09
N ASN A 151 34.78 0.78 -8.51
CA ASN A 151 35.46 -0.01 -9.52
C ASN A 151 35.64 -1.44 -9.06
N ALA A 152 36.06 -1.63 -7.81
CA ALA A 152 36.25 -2.98 -7.28
C ALA A 152 34.92 -3.73 -7.20
N LEU A 153 33.85 -3.04 -6.79
CA LEU A 153 32.53 -3.68 -6.72
C LEU A 153 32.09 -4.15 -8.10
N TYR A 154 32.15 -3.27 -9.09
CA TYR A 154 31.72 -3.65 -10.43
C TYR A 154 32.66 -4.69 -11.04
N GLU A 155 33.94 -4.68 -10.65
CA GLU A 155 34.83 -5.76 -11.07
C GLU A 155 34.34 -7.10 -10.54
N ARG A 156 34.12 -7.18 -9.22
CA ARG A 156 33.61 -8.42 -8.61
C ARG A 156 32.33 -8.88 -9.30
N ARG A 157 31.46 -7.96 -9.67
CA ARG A 157 30.16 -8.34 -10.20
C ARG A 157 30.16 -8.58 -11.70
N LEU A 158 31.13 -8.07 -12.44
CA LEU A 158 31.14 -8.15 -13.90
C LEU A 158 32.18 -9.10 -14.47
N LEU A 159 33.39 -9.13 -13.91
CA LEU A 159 34.46 -9.94 -14.48
C LEU A 159 34.11 -11.41 -14.66
N PRO A 160 33.36 -12.06 -13.75
CA PRO A 160 32.94 -13.45 -14.05
C PRO A 160 32.18 -13.59 -15.35
N GLN A 161 31.19 -12.72 -15.59
CA GLN A 161 30.46 -12.78 -16.84
C GLN A 161 31.36 -12.45 -18.02
N LEU A 162 32.30 -11.51 -17.83
CA LEU A 162 33.21 -11.15 -18.90
C LEU A 162 34.04 -12.34 -19.35
N ILE A 163 34.65 -13.06 -18.38
CA ILE A 163 35.47 -14.20 -18.76
C ILE A 163 34.60 -15.34 -19.28
N HIS A 164 33.39 -15.50 -18.73
CA HIS A 164 32.47 -16.53 -19.21
C HIS A 164 32.16 -16.32 -20.69
N PHE A 165 31.78 -15.10 -21.07
CA PHE A 165 31.43 -14.86 -22.47
C PHE A 165 32.67 -14.78 -23.36
N ASN A 166 33.83 -14.44 -22.80
CA ASN A 166 35.08 -14.59 -23.54
C ASN A 166 35.31 -16.04 -23.94
N GLU A 167 35.21 -16.95 -22.96
CA GLU A 167 35.39 -18.37 -23.26
C GLU A 167 34.29 -18.89 -24.17
N LEU A 168 33.08 -18.36 -24.06
CA LEU A 168 32.00 -18.81 -24.95
C LEU A 168 32.25 -18.37 -26.38
N ALA A 169 32.68 -17.12 -26.59
CA ALA A 169 33.06 -16.67 -27.92
C ALA A 169 34.23 -17.48 -28.47
N ARG A 170 35.16 -17.86 -27.59
CA ARG A 170 36.26 -18.73 -28.02
C ARG A 170 35.74 -20.09 -28.48
N GLN A 171 34.76 -20.64 -27.77
CA GLN A 171 34.23 -21.96 -28.12
C GLN A 171 33.44 -21.93 -29.43
N ASN A 172 32.79 -20.81 -29.74
CA ASN A 172 32.01 -20.68 -30.96
C ASN A 172 32.83 -20.20 -32.15
N GLU A 173 34.15 -20.08 -32.00
CA GLU A 173 35.03 -19.60 -33.06
C GLU A 173 34.56 -18.24 -33.58
N LYS A 174 34.13 -17.39 -32.66
CA LYS A 174 33.65 -16.05 -32.99
C LYS A 174 34.22 -15.08 -31.97
N GLN A 175 33.70 -13.85 -31.97
CA GLN A 175 34.05 -12.85 -30.98
C GLN A 175 32.80 -12.40 -30.25
N ALA A 176 33.00 -11.68 -29.15
CA ALA A 176 31.91 -11.27 -28.28
C ALA A 176 31.65 -9.78 -28.43
N ALA A 177 30.40 -9.42 -28.69
CA ALA A 177 29.94 -8.04 -28.70
C ALA A 177 29.01 -7.83 -27.52
N ILE A 178 29.42 -6.98 -26.59
CA ILE A 178 28.70 -6.79 -25.33
C ILE A 178 28.09 -5.40 -25.33
N THR A 179 26.77 -5.33 -25.24
CA THR A 179 26.07 -4.06 -25.07
C THR A 179 25.78 -3.87 -23.58
N ILE A 180 26.15 -2.71 -23.05
CA ILE A 180 26.05 -2.41 -21.63
C ILE A 180 25.22 -1.15 -21.45
N PRO A 181 24.24 -1.15 -20.54
CA PRO A 181 23.47 0.08 -20.29
C PRO A 181 24.02 0.86 -19.10
N GLY A 182 23.33 1.92 -18.71
CA GLY A 182 23.68 2.65 -17.51
C GLY A 182 23.29 1.87 -16.27
N ILE A 183 24.12 0.89 -15.89
CA ILE A 183 23.78 0.02 -14.78
C ILE A 183 23.86 0.79 -13.46
N GLY A 184 22.87 0.59 -12.59
CA GLY A 184 22.82 1.28 -11.32
C GLY A 184 22.84 2.78 -11.41
N THR A 185 22.24 3.35 -12.45
CA THR A 185 22.30 4.79 -12.68
C THR A 185 20.96 5.47 -12.83
N GLY A 186 19.87 4.74 -13.12
CA GLY A 186 18.57 5.35 -13.30
C GLY A 186 18.03 6.01 -12.05
N CYS A 187 17.43 5.23 -11.16
CA CYS A 187 16.95 5.74 -9.89
C CYS A 187 17.40 4.90 -8.70
N PHE A 188 18.14 3.83 -8.92
CA PHE A 188 18.78 3.05 -7.88
C PHE A 188 20.02 3.74 -7.31
N SER A 189 20.12 5.06 -7.49
CA SER A 189 21.24 5.84 -6.99
C SER A 189 20.86 6.86 -5.92
N GLY A 190 19.57 7.18 -5.78
CA GLY A 190 19.12 8.10 -4.76
C GLY A 190 19.76 9.47 -4.82
N ALA A 191 20.68 9.74 -3.90
CA ALA A 191 21.34 11.03 -3.82
C ALA A 191 22.60 11.13 -4.68
N TYR A 192 22.83 10.14 -5.55
CA TYR A 192 24.04 10.13 -6.38
C TYR A 192 23.72 10.06 -7.87
N TYR A 193 22.47 10.28 -8.26
CA TYR A 193 22.09 10.26 -9.66
C TYR A 193 22.89 11.25 -10.50
N ASP A 194 23.32 12.36 -9.90
CA ASP A 194 23.99 13.44 -10.62
C ASP A 194 25.49 13.26 -10.72
N VAL A 195 26.04 12.17 -10.19
CA VAL A 195 27.50 11.99 -10.17
C VAL A 195 27.84 10.55 -10.56
N ILE A 196 26.85 9.67 -10.59
CA ILE A 196 27.13 8.25 -10.76
C ILE A 196 27.35 7.86 -12.21
N LYS A 197 26.92 8.70 -13.15
CA LYS A 197 27.09 8.36 -14.57
C LYS A 197 28.57 8.34 -14.96
N PRO A 198 29.37 9.38 -14.71
CA PRO A 198 30.80 9.28 -15.02
C PRO A 198 31.51 8.26 -14.16
N TYR A 199 31.05 8.03 -12.93
CA TYR A 199 31.66 7.00 -12.09
C TYR A 199 31.47 5.62 -12.68
N VAL A 200 30.28 5.33 -13.22
CA VAL A 200 30.05 4.04 -13.87
C VAL A 200 30.88 3.94 -15.14
N ARG A 201 30.97 5.03 -15.90
CA ARG A 201 31.83 5.03 -17.09
C ARG A 201 33.27 4.69 -16.72
N ASN A 202 33.81 5.37 -15.69
CA ASN A 202 35.18 5.13 -15.25
C ASN A 202 35.35 3.73 -14.69
N ALA A 203 34.32 3.20 -14.02
CA ALA A 203 34.41 1.82 -13.53
C ALA A 203 34.53 0.85 -14.69
N LEU A 204 33.73 1.03 -15.73
CA LEU A 204 33.81 0.15 -16.89
C LEU A 204 35.18 0.24 -17.57
N ILE A 205 35.68 1.47 -17.78
CA ILE A 205 36.96 1.62 -18.45
C ILE A 205 38.09 1.03 -17.59
N HIS A 206 38.00 1.20 -16.27
CA HIS A 206 39.03 0.66 -15.39
C HIS A 206 39.00 -0.87 -15.39
N ILE A 207 37.81 -1.45 -15.37
CA ILE A 207 37.69 -2.91 -15.40
C ILE A 207 38.27 -3.46 -16.70
N LEU A 208 37.95 -2.82 -17.83
CA LEU A 208 38.41 -3.34 -19.10
C LEU A 208 39.90 -3.07 -19.36
N GLU A 209 40.45 -2.00 -18.79
CA GLU A 209 41.87 -1.73 -18.97
C GLU A 209 42.72 -2.55 -18.01
N LYS A 210 42.20 -2.87 -16.83
CA LYS A 210 42.96 -3.63 -15.85
C LYS A 210 43.06 -5.11 -16.23
N HIS A 211 42.04 -5.64 -16.89
CA HIS A 211 41.97 -7.06 -17.25
C HIS A 211 41.83 -7.23 -18.75
N LYS A 212 42.49 -6.36 -19.52
CA LYS A 212 42.41 -6.44 -20.98
C LYS A 212 43.06 -7.71 -21.52
N ASP A 213 44.17 -8.14 -20.91
CA ASP A 213 44.88 -9.32 -21.40
C ASP A 213 44.16 -10.62 -21.07
N SER A 214 43.14 -10.60 -20.22
CA SER A 214 42.39 -11.79 -19.86
C SER A 214 41.12 -11.97 -20.69
N LEU A 215 40.84 -11.07 -21.62
CA LEU A 215 39.61 -11.12 -22.43
C LEU A 215 39.95 -10.93 -23.90
N PRO A 216 40.62 -11.91 -24.52
CA PRO A 216 41.06 -11.73 -25.92
C PRO A 216 39.95 -11.84 -26.96
N TYR A 217 38.88 -12.59 -26.69
CA TYR A 217 37.83 -12.81 -27.69
C TYR A 217 36.64 -11.87 -27.57
N ILE A 218 36.57 -11.01 -26.56
CA ILE A 218 35.58 -9.95 -26.56
C ILE A 218 36.17 -8.76 -27.32
N ASP A 219 35.42 -8.26 -28.30
CA ASP A 219 35.96 -7.27 -29.23
C ASP A 219 35.30 -5.90 -29.09
N ILE A 220 33.98 -5.83 -29.21
CA ILE A 220 33.26 -4.56 -29.22
C ILE A 220 32.35 -4.51 -28.01
N ILE A 221 32.44 -3.42 -27.25
CA ILE A 221 31.51 -3.15 -26.15
C ILE A 221 30.84 -1.82 -26.42
N HIS A 222 29.51 -1.82 -26.40
CA HIS A 222 28.66 -0.70 -26.75
C HIS A 222 27.91 -0.24 -25.51
N TYR A 223 28.45 0.77 -24.83
CA TYR A 223 27.88 1.32 -23.62
C TYR A 223 26.94 2.47 -23.97
N ASP A 224 25.74 2.43 -23.40
CA ASP A 224 24.68 3.39 -23.74
C ASP A 224 23.98 3.83 -22.47
N PRO A 225 24.39 4.97 -21.89
CA PRO A 225 23.68 5.49 -20.71
C PRO A 225 22.54 6.43 -21.07
N TYR A 226 22.04 6.30 -22.31
CA TYR A 226 20.95 7.12 -22.83
C TYR A 226 21.28 8.60 -22.85
N MSE A 227 21.56 9.19 -21.69
CA MSE A 227 21.83 10.62 -21.58
C MSE A 227 22.68 10.93 -20.35
O MSE A 227 22.51 10.31 -19.30
CB MSE A 227 20.51 11.40 -21.53
CG MSE A 227 20.62 12.86 -21.91
SE MSE A 227 18.91 13.80 -21.80
CE MSE A 227 17.87 12.69 -23.03
N GLY A 228 23.60 11.88 -20.50
CA GLY A 228 24.43 12.29 -19.39
C GLY A 228 25.92 12.08 -19.59
N ASP A 229 26.30 11.66 -20.80
CA ASP A 229 27.72 11.48 -21.13
C ASP A 229 27.91 11.83 -22.60
N GLU A 230 29.10 12.32 -22.92
CA GLU A 230 29.39 12.66 -24.31
C GLU A 230 29.61 11.39 -25.12
N PRO A 231 29.12 11.35 -26.36
CA PRO A 231 29.41 10.20 -27.23
C PRO A 231 30.89 10.14 -27.58
N ALA A 232 31.48 8.97 -27.44
CA ALA A 232 32.91 8.82 -27.66
C ALA A 232 33.24 7.39 -28.07
N GLU A 233 34.46 7.22 -28.57
CA GLU A 233 34.98 5.91 -28.94
C GLU A 233 36.42 5.82 -28.47
N LYS A 234 36.74 4.76 -27.74
CA LYS A 234 38.07 4.56 -27.19
C LYS A 234 38.55 3.15 -27.52
N LYS A 235 39.86 3.03 -27.72
CA LYS A 235 40.49 1.75 -28.05
C LYS A 235 41.28 1.29 -26.84
N ILE A 236 40.72 0.33 -26.11
CA ILE A 236 41.36 -0.24 -24.92
C ILE A 236 42.03 -1.53 -25.36
N GLY A 237 43.34 -1.47 -25.57
CA GLY A 237 44.08 -2.60 -26.09
C GLY A 237 43.60 -3.01 -27.46
N HIS A 238 42.87 -4.13 -27.53
CA HIS A 238 42.31 -4.63 -28.77
C HIS A 238 40.80 -4.43 -28.84
N MSE A 239 40.21 -3.76 -27.85
CA MSE A 239 38.76 -3.66 -27.76
C MSE A 239 38.24 -2.28 -28.14
O MSE A 239 38.96 -1.28 -28.07
CB MSE A 239 38.30 -4.01 -26.34
CG MSE A 239 38.68 -5.41 -25.90
SE MSE A 239 38.19 -5.77 -24.05
CE MSE A 239 39.24 -4.38 -23.18
N SER A 240 36.97 -2.23 -28.55
CA SER A 240 36.31 -0.99 -28.99
C SER A 240 35.25 -0.62 -27.95
N PHE A 241 35.57 0.38 -27.13
CA PHE A 241 34.67 0.89 -26.10
C PHE A 241 33.92 2.09 -26.65
N ARG A 242 32.62 1.93 -26.92
CA ARG A 242 31.85 2.98 -27.58
C ARG A 242 30.76 3.51 -26.65
N VAL A 243 30.91 4.75 -26.20
CA VAL A 243 29.88 5.44 -25.43
C VAL A 243 28.93 6.10 -26.44
N SER A 244 27.73 5.54 -26.58
CA SER A 244 26.76 5.98 -27.57
C SER A 244 25.42 6.22 -26.89
N PRO A 245 25.23 7.38 -26.27
CA PRO A 245 23.94 7.68 -25.63
C PRO A 245 22.83 7.79 -26.68
N SER A 246 21.81 6.94 -26.52
CA SER A 246 20.72 6.90 -27.48
C SER A 246 19.88 8.16 -27.48
N GLY A 247 19.89 8.94 -26.40
CA GLY A 247 19.15 10.17 -26.38
C GLY A 247 19.83 11.36 -27.00
N VAL A 248 21.08 11.22 -27.47
CA VAL A 248 21.81 12.33 -28.06
C VAL A 248 22.16 11.97 -29.50
N VAL A 249 22.39 10.69 -29.77
CA VAL A 249 22.77 10.21 -31.09
C VAL A 249 21.63 9.36 -31.62
N ARG A 250 20.89 9.90 -32.59
CA ARG A 250 19.78 9.19 -33.20
C ARG A 250 20.30 8.13 -34.17
N GLY A 251 19.57 7.03 -34.26
CA GLY A 251 19.96 5.93 -35.13
C GLY A 251 20.88 4.91 -34.51
N THR A 252 21.12 4.98 -33.21
CA THR A 252 21.99 4.01 -32.55
C THR A 252 21.34 2.61 -32.62
N THR A 253 22.19 1.59 -32.68
CA THR A 253 21.70 0.22 -32.86
C THR A 253 20.80 -0.20 -31.70
N GLY A 254 21.29 -0.10 -30.48
CA GLY A 254 20.50 -0.45 -29.31
C GLY A 254 21.13 -1.58 -28.50
N GLN A 255 20.54 -1.79 -27.33
CA GLN A 255 21.07 -2.79 -26.40
C GLN A 255 20.87 -4.21 -26.91
N LEU A 256 19.74 -4.49 -27.56
CA LEU A 256 19.45 -5.82 -28.07
C LEU A 256 19.70 -5.93 -29.57
N ASP A 257 20.81 -5.40 -30.05
CA ASP A 257 21.13 -5.44 -31.47
C ASP A 257 22.63 -5.38 -31.64
N TYR A 258 23.10 -5.88 -32.77
CA TYR A 258 24.53 -5.90 -33.06
C TYR A 258 25.02 -4.48 -33.27
N PRO A 259 26.02 -4.00 -32.52
CA PRO A 259 26.58 -2.68 -32.78
C PRO A 259 27.34 -2.65 -34.09
N LEU A 260 27.83 -1.47 -34.49
CA LEU A 260 28.55 -1.34 -35.75
C LEU A 260 29.80 -2.22 -35.74
N GLY A 261 30.06 -2.86 -36.88
CA GLY A 261 31.21 -3.73 -37.01
C GLY A 261 31.04 -5.13 -36.48
N SER A 262 29.82 -5.53 -36.13
CA SER A 262 29.56 -6.87 -35.64
C SER A 262 28.30 -7.42 -36.30
N ASN A 263 28.28 -8.73 -36.51
CA ASN A 263 27.14 -9.43 -37.07
C ASN A 263 27.15 -10.86 -36.55
N PRO A 264 26.03 -11.59 -36.66
CA PRO A 264 25.99 -12.95 -36.11
C PRO A 264 27.05 -13.89 -36.66
N ASP A 265 27.61 -13.62 -37.84
CA ASP A 265 28.58 -14.55 -38.42
C ASP A 265 29.92 -14.45 -37.71
N THR A 266 30.34 -13.25 -37.31
CA THR A 266 31.65 -13.04 -36.71
C THR A 266 31.58 -12.61 -35.25
N HIS A 267 30.38 -12.41 -34.70
CA HIS A 267 30.24 -11.96 -33.32
C HIS A 267 29.04 -12.65 -32.67
N ILE A 268 29.21 -13.02 -31.41
CA ILE A 268 28.09 -13.42 -30.57
C ILE A 268 27.61 -12.18 -29.81
N LEU A 269 26.30 -11.98 -29.77
CA LEU A 269 25.71 -10.78 -29.19
C LEU A 269 25.22 -11.09 -27.77
N VAL A 270 25.87 -10.50 -26.78
CA VAL A 270 25.47 -10.62 -25.39
C VAL A 270 25.21 -9.22 -24.85
N SER A 271 24.19 -9.09 -24.00
CA SER A 271 23.78 -7.81 -23.45
C SER A 271 23.71 -7.92 -21.93
N ILE A 272 24.26 -6.92 -21.26
CA ILE A 272 24.24 -6.86 -19.80
C ILE A 272 22.96 -6.16 -19.35
N VAL A 273 22.38 -6.65 -18.27
CA VAL A 273 21.12 -6.13 -17.74
C VAL A 273 21.36 -5.64 -16.32
N ALA A 274 20.81 -4.46 -16.02
CA ALA A 274 20.93 -3.87 -14.68
C ALA A 274 19.94 -4.59 -13.76
N TRP A 275 20.46 -5.56 -13.01
CA TRP A 275 19.67 -6.40 -12.13
C TRP A 275 19.56 -5.75 -10.76
N ASP A 276 19.05 -6.49 -9.78
CA ASP A 276 18.99 -6.04 -8.40
C ASP A 276 19.26 -7.21 -7.48
N HIS A 277 19.33 -6.91 -6.18
CA HIS A 277 19.79 -7.89 -5.19
C HIS A 277 18.74 -8.97 -4.92
N PHE A 278 17.46 -8.61 -4.91
CA PHE A 278 16.44 -9.45 -4.30
C PHE A 278 15.38 -9.95 -5.27
N SER A 279 15.55 -9.78 -6.57
CA SER A 279 14.52 -10.15 -7.52
C SER A 279 15.05 -11.19 -8.51
N TRP A 280 14.11 -11.88 -9.15
CA TRP A 280 14.46 -12.75 -10.25
C TRP A 280 14.89 -11.91 -11.45
N PRO A 281 15.58 -12.51 -12.41
CA PRO A 281 15.87 -11.77 -13.65
C PRO A 281 14.57 -11.40 -14.35
N GLY A 282 14.37 -10.09 -14.55
CA GLY A 282 13.18 -9.54 -15.13
C GLY A 282 12.43 -8.59 -14.20
N ASN A 283 12.56 -8.80 -12.89
CA ASN A 283 11.98 -7.97 -11.84
C ASN A 283 10.61 -7.38 -12.19
N ASP A 284 10.63 -6.17 -12.75
CA ASP A 284 9.39 -5.42 -12.95
C ASP A 284 8.44 -6.12 -13.91
N TYR A 285 8.97 -6.81 -14.92
CA TYR A 285 8.11 -7.50 -15.86
C TYR A 285 7.44 -8.71 -15.23
N TRP A 286 7.99 -9.22 -14.12
CA TRP A 286 7.28 -10.23 -13.35
C TRP A 286 5.97 -9.70 -12.79
N GLY A 287 5.85 -8.38 -12.65
CA GLY A 287 4.60 -7.73 -12.33
C GLY A 287 3.82 -7.24 -13.53
N GLY A 288 4.25 -7.60 -14.74
CA GLY A 288 3.53 -7.25 -15.94
C GLY A 288 3.86 -5.90 -16.54
N ALA A 289 4.88 -5.21 -16.04
CA ALA A 289 5.26 -3.90 -16.53
C ALA A 289 6.56 -3.99 -17.30
N ARG A 290 6.54 -3.55 -18.56
CA ARG A 290 7.74 -3.54 -19.40
C ARG A 290 8.55 -2.27 -19.12
N GLN A 291 9.07 -2.19 -17.89
CA GLN A 291 9.72 -0.99 -17.42
C GLN A 291 11.15 -1.28 -16.99
N THR A 292 11.98 -0.23 -17.00
CA THR A 292 13.37 -0.30 -16.56
C THR A 292 14.18 -1.22 -17.48
N ASP A 293 15.51 -1.11 -17.40
CA ASP A 293 16.36 -1.98 -18.20
C ASP A 293 16.03 -3.45 -17.96
N ASP A 294 15.85 -3.83 -16.68
CA ASP A 294 15.54 -5.21 -16.33
C ASP A 294 14.27 -5.69 -17.02
N GLY A 295 13.16 -4.98 -16.77
CA GLY A 295 11.88 -5.43 -17.29
C GLY A 295 11.79 -5.36 -18.80
N VAL A 296 12.34 -4.30 -19.39
CA VAL A 296 12.29 -4.16 -20.85
C VAL A 296 13.12 -5.25 -21.52
N LYS A 297 14.32 -5.51 -21.00
CA LYS A 297 15.17 -6.53 -21.61
C LYS A 297 14.60 -7.93 -21.40
N ALA A 298 13.91 -8.16 -20.28
CA ALA A 298 13.31 -9.48 -20.09
C ALA A 298 12.07 -9.67 -20.95
N ALA A 299 11.27 -8.62 -21.11
CA ALA A 299 10.05 -8.73 -21.92
C ALA A 299 10.39 -8.85 -23.40
N SER A 300 11.47 -8.22 -23.84
CA SER A 300 11.87 -8.26 -25.24
C SER A 300 12.64 -9.53 -25.62
N THR A 301 12.86 -10.42 -24.66
CA THR A 301 13.51 -11.71 -24.90
C THR A 301 12.62 -12.81 -24.35
N ASP A 302 13.08 -14.05 -24.47
CA ASP A 302 12.39 -15.19 -23.88
C ASP A 302 12.94 -15.51 -22.49
N THR A 303 13.26 -14.47 -21.70
CA THR A 303 13.80 -14.68 -20.37
C THR A 303 12.84 -15.49 -19.51
N MSE A 304 11.56 -15.14 -19.55
CA MSE A 304 10.54 -15.84 -18.77
C MSE A 304 10.42 -17.29 -19.24
O MSE A 304 10.21 -18.19 -18.43
CB MSE A 304 9.21 -15.12 -18.86
CG MSE A 304 9.04 -13.98 -17.87
SE MSE A 304 10.39 -12.59 -18.01
CE MSE A 304 9.89 -11.55 -16.44
N GLY A 305 10.54 -17.50 -20.55
CA GLY A 305 10.50 -18.85 -21.07
C GLY A 305 11.65 -19.71 -20.57
N GLN A 306 12.83 -19.10 -20.41
CA GLN A 306 14.00 -19.84 -19.95
C GLN A 306 13.99 -20.05 -18.44
N VAL A 307 13.40 -19.11 -17.70
CA VAL A 307 13.41 -19.21 -16.23
C VAL A 307 12.27 -20.10 -15.75
N THR A 308 11.10 -19.99 -16.36
CA THR A 308 9.96 -20.81 -15.96
C THR A 308 9.92 -22.15 -16.67
N GLY A 309 10.58 -22.28 -17.83
CA GLY A 309 10.50 -23.47 -18.64
C GLY A 309 9.29 -23.54 -19.54
N ALA A 310 8.36 -22.59 -19.43
CA ALA A 310 7.17 -22.58 -20.25
C ALA A 310 7.48 -22.02 -21.64
N THR A 311 6.55 -22.23 -22.56
CA THR A 311 6.69 -21.78 -23.94
C THR A 311 5.68 -20.66 -24.17
N GLY A 312 6.14 -19.42 -23.96
CA GLY A 312 5.33 -18.26 -24.21
C GLY A 312 5.25 -17.91 -25.68
N VAL A 313 4.54 -16.82 -25.96
CA VAL A 313 4.36 -16.32 -27.32
C VAL A 313 4.63 -14.82 -27.33
N TYR A 314 5.44 -14.38 -28.28
CA TYR A 314 5.82 -12.97 -28.38
C TYR A 314 4.75 -12.19 -29.11
N ASP A 315 4.38 -11.03 -28.55
CA ASP A 315 3.39 -10.14 -29.15
C ASP A 315 4.12 -8.97 -29.81
N LYS A 316 3.92 -8.82 -31.12
CA LYS A 316 4.62 -7.78 -31.87
C LYS A 316 3.99 -6.41 -31.64
N LYS A 317 2.67 -6.35 -31.52
CA LYS A 317 1.99 -5.08 -31.27
C LYS A 317 2.31 -4.52 -29.89
N TRP A 318 2.82 -5.34 -28.98
CA TRP A 318 3.17 -4.89 -27.64
C TRP A 318 4.64 -5.08 -27.29
N GLY A 319 5.40 -5.83 -28.08
CA GLY A 319 6.81 -5.99 -27.80
C GLY A 319 7.11 -6.69 -26.48
N ARG A 320 6.37 -7.77 -26.18
CA ARG A 320 6.52 -8.46 -24.92
C ARG A 320 6.37 -9.96 -25.11
N TYR A 321 7.14 -10.73 -24.35
CA TYR A 321 7.02 -12.18 -24.31
C TYR A 321 5.86 -12.55 -23.39
N MSE A 322 4.74 -12.97 -23.98
CA MSE A 322 3.53 -13.23 -23.22
C MSE A 322 3.48 -14.64 -22.64
O MSE A 322 4.10 -15.56 -23.19
CB MSE A 322 2.30 -12.99 -24.09
CG MSE A 322 2.21 -11.59 -24.67
SE MSE A 322 1.88 -10.23 -23.32
CE MSE A 322 0.03 -10.68 -22.89
N PRO A 323 2.77 -14.81 -21.53
CA PRO A 323 2.50 -16.16 -21.02
C PRO A 323 1.73 -16.98 -22.04
N PRO A 324 1.77 -18.31 -21.93
CA PRO A 324 1.10 -19.15 -22.94
C PRO A 324 -0.38 -18.83 -23.02
N GLU A 325 -0.93 -18.93 -24.23
CA GLU A 325 -2.34 -18.64 -24.43
C GLU A 325 -3.22 -19.62 -23.66
N SER A 326 -2.80 -20.88 -23.59
CA SER A 326 -3.51 -21.86 -22.75
C SER A 326 -3.56 -21.40 -21.31
N PHE A 327 -2.52 -20.70 -20.86
CA PHE A 327 -2.51 -20.09 -19.54
C PHE A 327 -3.33 -18.80 -19.52
N THR A 328 -2.98 -17.85 -20.40
CA THR A 328 -3.58 -16.53 -20.42
C THR A 328 -5.04 -16.52 -20.88
N LYS A 329 -5.63 -17.68 -21.12
CA LYS A 329 -6.95 -17.76 -21.75
C LYS A 329 -8.08 -17.11 -20.94
N ASP A 330 -8.48 -17.75 -19.85
CA ASP A 330 -9.70 -17.40 -19.12
C ASP A 330 -9.37 -16.56 -17.89
N ARG A 331 -8.68 -15.45 -18.13
CA ARG A 331 -8.30 -14.57 -17.05
C ARG A 331 -9.01 -13.22 -17.12
N LYS A 332 -9.11 -12.59 -15.96
CA LYS A 332 -9.66 -11.25 -15.83
C LYS A 332 -8.53 -10.23 -15.76
N GLY A 333 -8.68 -9.13 -16.50
CA GLY A 333 -7.67 -8.10 -16.47
C GLY A 333 -6.34 -8.55 -17.06
N MSE A 334 -5.27 -7.90 -16.60
CA MSE A 334 -3.91 -8.22 -17.05
C MSE A 334 -3.34 -9.38 -16.22
O MSE A 334 -3.86 -9.71 -15.15
CB MSE A 334 -2.99 -7.00 -16.95
CG MSE A 334 -1.65 -7.20 -17.66
SE MSE A 334 -0.31 -5.86 -17.21
CE MSE A 334 -1.14 -4.36 -18.13
N SER A 335 -2.27 -9.98 -16.72
CA SER A 335 -1.78 -11.26 -16.23
C SER A 335 -0.26 -11.30 -16.37
N ASP A 336 0.45 -11.23 -15.24
CA ASP A 336 1.89 -11.22 -15.29
C ASP A 336 2.44 -12.65 -15.14
N TRP A 337 3.72 -12.79 -15.49
CA TRP A 337 4.41 -14.06 -15.28
C TRP A 337 4.55 -14.39 -13.81
N GLY A 338 4.44 -13.39 -12.92
CA GLY A 338 4.45 -13.67 -11.50
C GLY A 338 3.27 -14.54 -11.08
N ASP A 339 2.11 -14.29 -11.68
CA ASP A 339 0.97 -15.18 -11.45
C ASP A 339 1.27 -16.58 -11.95
N TYR A 340 2.03 -16.71 -13.05
CA TYR A 340 2.37 -18.04 -13.55
C TYR A 340 3.29 -18.78 -12.59
N VAL A 341 4.32 -18.10 -12.07
CA VAL A 341 5.23 -18.77 -11.14
C VAL A 341 4.55 -19.03 -9.81
N ARG A 342 3.58 -18.19 -9.42
CA ARG A 342 2.87 -18.42 -8.17
C ARG A 342 1.89 -19.59 -8.30
N GLU A 343 1.21 -19.69 -9.44
CA GLU A 343 0.23 -20.76 -9.63
C GLU A 343 0.90 -22.11 -9.90
N ASN A 344 2.05 -22.12 -10.57
CA ASN A 344 2.74 -23.35 -10.92
C ASN A 344 3.91 -23.66 -9.98
N GLY A 345 4.07 -22.89 -8.91
CA GLY A 345 5.11 -23.15 -7.93
C GLY A 345 6.52 -23.15 -8.50
N ILE A 346 6.78 -22.35 -9.53
CA ILE A 346 8.10 -22.29 -10.12
C ILE A 346 9.04 -21.54 -9.19
N VAL A 347 10.28 -22.03 -9.06
CA VAL A 347 11.27 -21.44 -8.18
C VAL A 347 12.50 -21.06 -8.99
N PHE A 348 13.23 -20.06 -8.50
CA PHE A 348 14.44 -19.58 -9.17
C PHE A 348 15.64 -20.29 -8.57
N ASN A 349 16.13 -21.31 -9.28
CA ASN A 349 17.25 -22.11 -8.81
C ASN A 349 17.98 -22.67 -10.02
N GLY A 350 19.32 -22.58 -9.99
CA GLY A 350 20.12 -23.05 -11.10
C GLY A 350 21.57 -23.26 -10.70
N PRO A 351 22.39 -23.74 -11.64
CA PRO A 351 23.79 -23.99 -11.35
C PRO A 351 24.54 -22.70 -11.03
N VAL A 352 25.50 -22.80 -10.10
CA VAL A 352 26.27 -21.67 -9.62
C VAL A 352 27.74 -21.99 -9.72
N LEU A 353 28.53 -21.03 -10.21
CA LEU A 353 29.97 -21.17 -10.34
C LEU A 353 30.68 -19.95 -9.77
N ALA A 354 31.98 -20.12 -9.49
CA ALA A 354 32.81 -19.08 -8.91
C ALA A 354 34.13 -19.01 -9.67
N LEU A 355 34.85 -17.90 -9.48
CA LEU A 355 36.12 -17.67 -10.14
C LEU A 355 37.27 -17.82 -9.15
N ASP A 356 38.30 -18.56 -9.56
CA ASP A 356 39.51 -18.71 -8.76
C ASP A 356 40.51 -17.64 -9.16
N LYS A 357 41.72 -18.06 -9.53
CA LYS A 357 42.71 -17.16 -10.10
C LYS A 357 42.85 -17.35 -11.61
N SER A 358 41.81 -17.85 -12.27
CA SER A 358 41.85 -18.14 -13.70
C SER A 358 40.43 -18.30 -14.25
N GLY A 359 39.94 -19.54 -14.32
CA GLY A 359 38.64 -19.82 -14.89
C GLY A 359 37.56 -19.94 -13.83
N LYS A 360 36.42 -20.49 -14.23
CA LYS A 360 35.26 -20.57 -13.35
C LYS A 360 34.76 -22.02 -13.23
N LEU A 361 34.67 -22.50 -11.99
CA LEU A 361 33.98 -23.74 -11.64
C LEU A 361 33.54 -23.61 -10.19
N ASP A 362 33.48 -24.73 -9.45
CA ASP A 362 33.09 -24.59 -8.04
C ASP A 362 33.77 -25.68 -7.20
N THR A 363 35.09 -25.60 -7.09
CA THR A 363 35.82 -26.44 -6.14
C THR A 363 36.05 -25.72 -4.83
N LEU A 364 35.69 -24.43 -4.75
CA LEU A 364 35.82 -23.59 -3.56
C LEU A 364 37.27 -23.51 -3.09
N GLU A 365 37.55 -24.08 -1.92
CA GLU A 365 38.88 -24.03 -1.34
C GLU A 365 39.52 -25.41 -1.35
N ASN B 1 -13.34 26.11 -25.20
CA ASN B 1 -13.06 25.50 -26.49
C ASN B 1 -12.60 24.05 -26.32
N ALA B 2 -11.94 23.79 -25.21
CA ALA B 2 -11.43 22.46 -24.90
C ALA B 2 -12.19 21.86 -23.72
N ALA B 3 -11.81 20.65 -23.34
CA ALA B 3 -12.45 19.94 -22.25
C ALA B 3 -11.73 20.12 -20.92
N TYR B 4 -10.47 20.52 -20.92
CA TYR B 4 -9.70 20.74 -19.70
C TYR B 4 -9.69 22.22 -19.32
N GLN B 5 -9.14 22.49 -18.14
CA GLN B 5 -9.12 23.85 -17.61
C GLN B 5 -7.87 24.03 -16.75
N LEU B 6 -7.11 25.10 -17.01
CA LEU B 6 -5.87 25.36 -16.30
C LEU B 6 -6.11 26.41 -15.23
N LEU B 7 -5.44 26.25 -14.10
CA LEU B 7 -5.57 27.15 -12.96
C LEU B 7 -4.19 27.50 -12.42
N LEU B 8 -4.10 28.71 -11.85
CA LEU B 8 -2.86 29.17 -11.23
C LEU B 8 -3.20 30.15 -10.11
N SER B 9 -2.23 30.33 -9.21
CA SER B 9 -2.44 31.16 -8.02
C SER B 9 -2.22 32.64 -8.38
N LYS B 10 -2.09 33.48 -7.34
CA LYS B 10 -1.91 34.92 -7.52
C LYS B 10 -0.44 35.33 -7.61
N GLU B 11 0.41 34.78 -6.73
CA GLU B 11 1.85 35.02 -6.88
C GLU B 11 2.34 34.54 -8.25
N THR B 12 1.74 33.46 -8.76
CA THR B 12 2.08 32.99 -10.10
C THR B 12 1.71 34.03 -11.15
N LEU B 13 0.54 34.66 -11.00
CA LEU B 13 0.16 35.71 -11.95
C LEU B 13 1.05 36.93 -11.83
N ASN B 14 1.52 37.25 -10.62
CA ASN B 14 2.48 38.32 -10.45
C ASN B 14 3.77 38.01 -11.20
N LYS B 15 4.29 36.79 -11.04
CA LYS B 15 5.48 36.38 -11.79
C LYS B 15 5.22 36.42 -13.29
N ILE B 16 4.02 36.03 -13.72
CA ILE B 16 3.68 36.01 -15.14
C ILE B 16 3.71 37.43 -15.70
N LEU B 17 3.07 38.37 -15.02
CA LEU B 17 3.04 39.74 -15.52
C LEU B 17 4.42 40.39 -15.47
N GLN B 18 5.24 40.04 -14.47
CA GLN B 18 6.59 40.57 -14.42
C GLN B 18 7.42 40.05 -15.60
N TYR B 19 7.32 38.75 -15.88
CA TYR B 19 8.04 38.18 -17.02
C TYR B 19 7.55 38.76 -18.34
N LYS B 20 6.23 38.98 -18.46
CA LYS B 20 5.70 39.57 -19.69
C LYS B 20 6.18 40.99 -19.87
N GLN B 21 6.22 41.79 -18.78
CA GLN B 21 6.71 43.15 -18.89
C GLN B 21 8.20 43.17 -19.23
N ASN B 22 8.98 42.27 -18.62
CA ASN B 22 10.40 42.22 -18.92
C ASN B 22 10.67 41.75 -20.35
N LEU B 23 9.76 40.95 -20.92
CA LEU B 23 9.90 40.58 -22.33
C LEU B 23 9.50 41.73 -23.24
N GLU B 24 8.44 42.45 -22.89
CA GLU B 24 8.01 43.62 -23.66
C GLU B 24 9.09 44.70 -23.67
N LYS B 25 9.82 44.85 -22.57
CA LYS B 25 10.84 45.89 -22.50
C LYS B 25 12.10 45.49 -23.25
N GLY B 26 12.58 44.27 -23.04
CA GLY B 26 13.72 43.78 -23.80
C GLY B 26 14.78 43.12 -22.97
N LEU B 27 14.65 43.16 -21.65
CA LEU B 27 15.67 42.64 -20.73
C LEU B 27 15.42 41.20 -20.34
N ALA B 28 14.97 40.36 -21.26
CA ALA B 28 14.71 38.95 -20.95
C ALA B 28 14.59 38.18 -22.26
N THR B 29 15.48 37.21 -22.47
CA THR B 29 15.21 36.47 -23.69
C THR B 29 14.42 35.20 -23.37
N PRO B 30 13.39 34.88 -24.14
CA PRO B 30 12.60 33.68 -23.87
C PRO B 30 13.37 32.39 -24.13
N GLY B 31 12.76 31.25 -23.84
CA GLY B 31 13.38 29.98 -24.12
C GLY B 31 13.08 29.50 -25.53
N LYS B 32 13.78 28.44 -25.93
CA LYS B 32 13.64 27.93 -27.30
C LYS B 32 12.21 27.48 -27.58
N PHE B 33 11.64 26.69 -26.68
CA PHE B 33 10.30 26.15 -26.94
C PHE B 33 9.23 27.23 -26.85
N PHE B 34 9.39 28.19 -25.94
CA PHE B 34 8.43 29.29 -25.83
C PHE B 34 8.46 30.14 -27.09
N LEU B 35 9.65 30.56 -27.52
CA LEU B 35 9.76 31.32 -28.77
C LEU B 35 9.28 30.50 -29.95
N GLU B 36 9.50 29.19 -29.91
CA GLU B 36 9.01 28.31 -30.97
C GLU B 36 7.49 28.37 -31.09
N GLU B 37 6.80 28.26 -29.95
CA GLU B 37 5.35 28.32 -29.98
C GLU B 37 4.86 29.73 -30.31
N LEU B 38 5.59 30.75 -29.86
CA LEU B 38 5.25 32.13 -30.22
C LEU B 38 5.35 32.35 -31.73
N SER B 39 6.44 31.89 -32.34
CA SER B 39 6.62 32.06 -33.77
C SER B 39 5.69 31.14 -34.54
N LYS B 40 4.40 31.21 -34.23
CA LYS B 40 3.37 30.46 -34.95
C LYS B 40 2.10 31.30 -35.00
N GLN B 41 2.08 32.39 -34.25
CA GLN B 41 0.99 33.35 -34.27
C GLN B 41 1.54 34.67 -34.80
N GLU B 42 0.77 35.76 -34.61
CA GLU B 42 1.17 37.08 -35.10
C GLU B 42 0.77 38.15 -34.09
N LYS B 43 1.45 38.16 -32.94
CA LYS B 43 1.16 39.16 -31.90
C LYS B 43 2.29 39.13 -30.88
N SER B 44 2.30 40.14 -30.01
CA SER B 44 3.25 40.25 -28.91
C SER B 44 2.71 41.20 -27.87
N ILE B 45 2.40 42.43 -28.28
CA ILE B 45 1.84 43.46 -27.42
C ILE B 45 2.75 43.75 -26.24
N ASP B 49 -4.85 39.60 -23.56
CA ASP B 49 -3.56 39.28 -24.15
C ASP B 49 -2.69 38.49 -23.17
N ILE B 50 -2.91 38.74 -21.87
CA ILE B 50 -2.14 38.04 -20.84
C ILE B 50 -2.49 36.55 -20.83
N THR B 51 -3.78 36.23 -20.94
CA THR B 51 -4.17 34.82 -20.95
C THR B 51 -3.68 34.12 -22.20
N THR B 52 -3.49 34.85 -23.30
CA THR B 52 -2.93 34.21 -24.50
C THR B 52 -1.43 34.03 -24.36
N PHE B 53 -0.75 34.98 -23.72
CA PHE B 53 0.65 34.80 -23.38
C PHE B 53 0.86 33.55 -22.54
N THR B 54 0.04 33.39 -21.50
CA THR B 54 0.14 32.22 -20.64
C THR B 54 -0.24 30.94 -21.38
N GLN B 55 -1.24 31.02 -22.26
CA GLN B 55 -1.65 29.85 -23.03
C GLN B 55 -0.54 29.40 -23.97
N LEU B 56 0.18 30.34 -24.57
CA LEU B 56 1.28 29.97 -25.46
C LEU B 56 2.48 29.45 -24.66
N LEU B 57 2.74 30.01 -23.48
CA LEU B 57 3.79 29.47 -22.64
C LEU B 57 3.47 28.03 -22.21
N ILE B 58 2.20 27.76 -21.87
CA ILE B 58 1.80 26.41 -21.53
C ILE B 58 1.87 25.51 -22.75
N GLN B 59 1.54 26.03 -23.93
CA GLN B 59 1.60 25.25 -25.15
C GLN B 59 3.01 24.79 -25.48
N SER B 60 4.03 25.47 -24.94
CA SER B 60 5.41 25.04 -25.16
C SER B 60 5.68 23.66 -24.57
N LYS B 61 4.86 23.21 -23.63
CA LYS B 61 5.06 21.89 -23.04
C LYS B 61 4.90 20.81 -24.10
N LYS B 62 5.73 19.77 -24.00
CA LYS B 62 5.67 18.66 -24.93
C LYS B 62 4.90 17.50 -24.31
N PRO B 63 4.35 16.60 -25.14
CA PRO B 63 3.52 15.51 -24.58
C PRO B 63 4.25 14.64 -23.57
N GLN B 64 5.53 14.31 -23.82
CA GLN B 64 6.28 13.41 -22.96
C GLN B 64 7.66 14.01 -22.73
N VAL B 65 7.95 14.38 -21.48
CA VAL B 65 9.23 14.97 -21.09
C VAL B 65 9.68 14.33 -19.78
N PHE B 66 10.96 13.98 -19.71
CA PHE B 66 11.56 13.53 -18.45
C PHE B 66 12.07 14.77 -17.73
N ALA B 67 11.23 15.33 -16.86
CA ALA B 67 11.56 16.60 -16.22
C ALA B 67 12.75 16.48 -15.27
N GLU B 68 13.15 15.27 -14.90
CA GLU B 68 14.21 15.08 -13.91
C GLU B 68 15.58 14.88 -14.52
N SER B 69 15.71 14.91 -15.85
CA SER B 69 16.99 14.61 -16.47
C SER B 69 17.13 15.20 -17.87
N GLN B 70 16.01 15.48 -18.51
CA GLN B 70 15.99 15.86 -19.92
C GLN B 70 15.99 17.38 -20.13
N VAL B 71 16.00 18.16 -19.05
CA VAL B 71 15.89 19.62 -19.12
C VAL B 71 17.20 20.23 -18.64
N TYR B 72 17.66 21.27 -19.35
CA TYR B 72 18.89 21.96 -19.00
C TYR B 72 18.65 23.30 -18.31
N HIS B 73 17.40 23.75 -18.21
CA HIS B 73 17.04 24.96 -17.47
C HIS B 73 17.77 26.19 -18.00
N ASP B 74 17.70 26.40 -19.30
CA ASP B 74 18.28 27.58 -19.94
C ASP B 74 17.55 27.82 -21.26
N GLY B 75 18.21 28.51 -22.19
CA GLY B 75 17.57 28.82 -23.45
C GLY B 75 17.31 27.62 -24.34
N THR B 76 18.04 26.52 -24.13
CA THR B 76 17.89 25.35 -24.98
C THR B 76 16.49 24.76 -24.89
N ASP B 77 15.85 24.84 -23.72
CA ASP B 77 14.50 24.33 -23.56
C ASP B 77 13.59 25.33 -22.86
N TRP B 78 13.75 25.47 -21.55
CA TRP B 78 12.95 26.39 -20.75
C TRP B 78 13.85 27.16 -19.79
N THR B 79 13.65 28.47 -19.71
CA THR B 79 14.38 29.28 -18.74
C THR B 79 13.86 29.01 -17.33
N LEU B 80 14.57 29.56 -16.34
CA LEU B 80 14.17 29.35 -14.95
C LEU B 80 12.89 30.12 -14.61
N GLU B 81 12.69 31.29 -15.21
CA GLU B 81 11.44 32.02 -14.97
C GLU B 81 10.25 31.29 -15.59
N GLU B 82 10.41 30.85 -16.84
CA GLU B 82 9.37 30.05 -17.50
C GLU B 82 9.06 28.80 -16.70
N GLU B 83 10.07 28.14 -16.15
CA GLU B 83 9.84 26.92 -15.40
C GLU B 83 9.20 27.22 -14.04
N SER B 84 9.63 28.29 -13.39
CA SER B 84 9.02 28.69 -12.13
C SER B 84 7.55 29.02 -12.31
N ILE B 85 7.18 29.51 -13.50
CA ILE B 85 5.77 29.75 -13.79
C ILE B 85 5.05 28.44 -14.11
N LEU B 86 5.64 27.61 -14.98
CA LEU B 86 4.98 26.39 -15.43
C LEU B 86 4.76 25.41 -14.29
N GLY B 87 5.66 25.38 -13.31
CA GLY B 87 5.51 24.47 -12.19
C GLY B 87 4.33 24.78 -11.29
N ASP B 88 3.76 25.99 -11.42
CA ASP B 88 2.62 26.39 -10.60
C ASP B 88 1.30 26.30 -11.34
N VAL B 89 1.29 25.74 -12.54
CA VAL B 89 0.08 25.66 -13.36
C VAL B 89 -0.51 24.26 -13.21
N SER B 90 -1.73 24.19 -12.70
CA SER B 90 -2.46 22.94 -12.59
C SER B 90 -3.52 22.86 -13.69
N VAL B 91 -4.02 21.66 -13.94
CA VAL B 91 -5.06 21.48 -14.94
C VAL B 91 -6.04 20.40 -14.49
N ASN B 92 -7.33 20.72 -14.51
CA ASN B 92 -8.37 19.78 -14.13
C ASN B 92 -9.26 19.45 -15.33
N MSE B 93 -9.87 18.27 -15.25
CA MSE B 93 -10.75 17.80 -16.31
C MSE B 93 -11.68 16.68 -15.85
O MSE B 93 -11.30 15.86 -15.00
CB MSE B 93 -9.93 17.33 -17.50
CG MSE B 93 -9.08 16.09 -17.23
SE MSE B 93 -7.91 15.62 -18.71
CE MSE B 93 -6.61 17.08 -18.57
N PRO B 94 -12.90 16.66 -16.39
CA PRO B 94 -13.80 15.53 -16.12
C PRO B 94 -13.36 14.30 -16.88
N VAL B 95 -13.32 13.16 -16.20
CA VAL B 95 -12.82 11.92 -16.77
C VAL B 95 -13.78 10.78 -16.42
N THR B 96 -13.64 9.68 -17.14
CA THR B 96 -14.35 8.43 -16.85
C THR B 96 -13.30 7.42 -16.43
N MSE B 97 -13.20 7.16 -15.13
CA MSE B 97 -12.20 6.24 -14.60
C MSE B 97 -12.58 4.79 -14.89
O MSE B 97 -13.64 4.32 -14.45
CB MSE B 97 -12.02 6.45 -13.10
CG MSE B 97 -11.57 7.86 -12.74
SE MSE B 97 -12.18 8.44 -10.98
CE MSE B 97 -11.24 10.14 -10.87
N TYR B 98 -11.73 4.09 -15.64
CA TYR B 98 -12.03 2.73 -16.05
C TYR B 98 -11.58 1.68 -15.03
N ASN B 99 -10.52 1.96 -14.27
CA ASN B 99 -10.06 1.05 -13.22
C ASN B 99 -9.65 1.88 -12.00
N ASP B 100 -9.25 1.18 -10.95
CA ASP B 100 -8.94 1.81 -9.66
C ASP B 100 -7.62 2.57 -9.67
N GLY B 101 -6.87 2.53 -10.77
CA GLY B 101 -5.59 3.22 -10.82
C GLY B 101 -4.42 2.45 -10.29
N GLY B 102 -4.52 1.13 -10.18
CA GLY B 102 -3.40 0.35 -9.72
C GLY B 102 -2.31 0.25 -10.76
N HIS B 103 -1.06 0.20 -10.29
CA HIS B 103 0.07 0.13 -11.19
C HIS B 103 0.35 -1.30 -11.61
N GLY B 104 0.98 -1.45 -12.76
CA GLY B 104 1.27 -2.78 -13.28
C GLY B 104 0.00 -3.56 -13.56
N SER B 105 -0.01 -4.82 -13.13
CA SER B 105 -1.17 -5.68 -13.28
C SER B 105 -2.10 -5.61 -12.08
N SER B 106 -1.83 -4.74 -11.11
CA SER B 106 -2.62 -4.64 -9.89
C SER B 106 -3.91 -3.86 -10.08
N PHE B 107 -4.19 -3.37 -11.29
CA PHE B 107 -5.41 -2.61 -11.51
C PHE B 107 -6.62 -3.53 -11.56
N LYS B 108 -7.74 -3.05 -11.01
CA LYS B 108 -8.99 -3.79 -11.01
C LYS B 108 -10.02 -2.99 -11.82
N ASN B 109 -10.55 -3.58 -12.87
CA ASN B 109 -11.49 -2.89 -13.73
C ASN B 109 -12.80 -2.64 -12.99
N HIS B 110 -13.30 -1.41 -13.10
CA HIS B 110 -14.63 -1.11 -12.58
C HIS B 110 -15.67 -1.84 -13.44
N PRO B 111 -16.63 -2.53 -12.82
CA PRO B 111 -17.72 -3.13 -13.62
C PRO B 111 -18.41 -2.12 -14.51
N LYS B 112 -18.87 -1.02 -13.93
CA LYS B 112 -19.34 0.13 -14.66
C LYS B 112 -18.35 1.27 -14.46
N PRO B 113 -17.79 1.85 -15.52
CA PRO B 113 -16.78 2.92 -15.34
C PRO B 113 -17.33 4.08 -14.53
N ILE B 114 -16.50 4.59 -13.64
CA ILE B 114 -16.88 5.66 -12.73
C ILE B 114 -16.64 7.00 -13.42
N SER B 115 -17.55 7.95 -13.20
CA SER B 115 -17.40 9.31 -13.68
C SER B 115 -16.80 10.16 -12.55
N GLY B 116 -15.66 10.77 -12.83
CA GLY B 116 -15.00 11.58 -11.82
C GLY B 116 -14.22 12.73 -12.41
N TYR B 117 -13.23 13.24 -11.67
CA TYR B 117 -12.46 14.39 -12.11
C TYR B 117 -11.00 14.17 -11.75
N LEU B 118 -10.12 14.65 -12.61
CA LEU B 118 -8.69 14.62 -12.36
C LEU B 118 -8.16 16.04 -12.27
N ALA B 119 -7.16 16.22 -11.41
CA ALA B 119 -6.49 17.50 -11.23
C ALA B 119 -4.99 17.24 -11.24
N TYR B 120 -4.36 17.47 -12.39
CA TYR B 120 -2.92 17.34 -12.53
C TYR B 120 -2.26 18.55 -11.89
N VAL B 121 -1.45 18.30 -10.85
CA VAL B 121 -0.73 19.33 -10.14
C VAL B 121 0.74 18.93 -10.17
N PRO B 122 1.64 19.77 -10.70
CA PRO B 122 3.06 19.39 -10.75
C PRO B 122 3.71 19.59 -9.38
N GLY B 123 4.37 18.55 -8.90
CA GLY B 123 5.03 18.61 -7.61
C GLY B 123 6.36 19.33 -7.67
N ALA B 124 6.97 19.47 -6.50
CA ALA B 124 8.26 20.15 -6.39
C ALA B 124 9.33 19.36 -7.12
N LEU B 125 10.00 20.01 -8.07
CA LEU B 125 11.05 19.38 -8.86
C LEU B 125 12.39 19.58 -8.15
N LEU B 126 12.90 18.52 -7.52
CA LEU B 126 14.14 18.58 -6.76
C LEU B 126 15.21 17.66 -7.36
N ALA B 127 15.20 17.51 -8.68
CA ALA B 127 16.18 16.68 -9.36
C ALA B 127 16.31 17.14 -10.81
N SER B 128 17.54 17.15 -11.30
CA SER B 128 17.79 17.51 -12.69
C SER B 128 19.15 16.98 -13.11
N GLY B 129 19.26 16.61 -14.39
CA GLY B 129 20.51 16.15 -14.94
C GLY B 129 21.53 17.23 -15.21
N SER B 130 21.11 18.50 -15.20
CA SER B 130 22.02 19.61 -15.42
C SER B 130 22.24 20.40 -14.13
N GLY B 131 21.83 21.66 -14.12
CA GLY B 131 22.05 22.52 -12.98
C GLY B 131 20.84 22.58 -12.07
N PRO B 132 20.91 23.43 -11.05
CA PRO B 132 19.78 23.54 -10.11
C PRO B 132 18.52 24.03 -10.78
N THR B 133 17.38 23.53 -10.32
CA THR B 133 16.09 23.96 -10.82
C THR B 133 15.56 25.12 -10.00
N SER B 134 14.44 25.70 -10.46
CA SER B 134 13.83 26.81 -9.74
C SER B 134 13.30 26.36 -8.39
N ASP B 135 12.55 25.25 -8.38
CA ASP B 135 12.00 24.74 -7.12
C ASP B 135 13.10 24.48 -6.10
N MSE B 136 14.21 23.90 -6.55
CA MSE B 136 15.37 23.69 -5.68
C MSE B 136 15.86 25.01 -5.12
O MSE B 136 16.16 25.12 -3.94
CB MSE B 136 16.49 22.98 -6.44
CG MSE B 136 16.18 21.54 -6.82
SE MSE B 136 17.66 20.68 -7.75
CE MSE B 136 19.05 20.94 -6.41
N LYS B 137 15.95 26.02 -5.99
CA LYS B 137 16.37 27.35 -5.52
C LYS B 137 15.34 27.97 -4.58
N GLU B 138 14.11 27.45 -4.57
CA GLU B 138 13.04 28.05 -3.79
C GLU B 138 12.92 27.43 -2.39
N VAL B 139 12.89 26.11 -2.30
CA VAL B 139 12.57 25.42 -1.06
C VAL B 139 13.79 24.77 -0.41
N LEU B 140 14.99 25.08 -0.89
CA LEU B 140 16.22 24.56 -0.30
C LEU B 140 17.05 25.69 0.28
N ASP B 141 17.55 25.47 1.49
CA ASP B 141 18.39 26.44 2.19
C ASP B 141 19.68 25.72 2.58
N ASN B 142 20.73 25.89 1.76
CA ASN B 142 22.02 25.25 1.98
C ASN B 142 21.87 23.74 2.04
N GLY B 143 21.22 23.18 1.02
CA GLY B 143 21.06 21.75 0.94
C GLY B 143 19.86 21.23 1.72
N LYS B 144 19.54 21.92 2.81
CA LYS B 144 18.44 21.49 3.67
C LYS B 144 17.10 21.83 3.02
N LEU B 145 16.11 20.98 3.30
CA LEU B 145 14.76 21.14 2.74
C LEU B 145 13.93 21.93 3.75
N ASN B 146 13.53 23.15 3.37
CA ASN B 146 12.75 24.01 4.24
C ASN B 146 11.30 23.55 4.24
N GLN B 147 10.77 23.23 5.42
CA GLN B 147 9.40 22.76 5.52
C GLN B 147 8.41 23.86 5.18
N ASP B 148 8.63 25.08 5.70
CA ASP B 148 7.68 26.16 5.48
C ASP B 148 7.64 26.59 4.02
N LYS B 149 8.80 26.64 3.37
CA LYS B 149 8.84 27.00 1.95
C LYS B 149 8.14 25.97 1.08
N LEU B 150 8.33 24.69 1.39
CA LEU B 150 7.63 23.64 0.66
C LEU B 150 6.13 23.72 0.90
N ASN B 151 5.72 24.02 2.13
CA ASN B 151 4.30 24.23 2.42
C ASN B 151 3.74 25.38 1.60
N ALA B 152 4.47 26.50 1.52
CA ALA B 152 3.99 27.63 0.74
C ALA B 152 3.90 27.27 -0.74
N LEU B 153 4.88 26.53 -1.25
CA LEU B 153 4.85 26.10 -2.65
C LEU B 153 3.63 25.24 -2.94
N TYR B 154 3.39 24.22 -2.12
CA TYR B 154 2.26 23.34 -2.36
C TYR B 154 0.93 24.04 -2.12
N GLU B 155 0.88 25.01 -1.21
CA GLU B 155 -0.32 25.85 -1.09
C GLU B 155 -0.58 26.60 -2.38
N ARG B 156 0.43 27.31 -2.87
CA ARG B 156 0.33 28.05 -4.13
C ARG B 156 -0.16 27.16 -5.26
N ARG B 157 0.31 25.92 -5.30
CA ARG B 157 -0.02 25.03 -6.42
C ARG B 157 -1.31 24.25 -6.23
N LEU B 158 -1.82 24.12 -5.02
CA LEU B 158 -2.98 23.29 -4.74
C LEU B 158 -4.26 24.06 -4.44
N LEU B 159 -4.17 25.18 -3.73
CA LEU B 159 -5.37 25.92 -3.33
C LEU B 159 -6.31 26.26 -4.49
N PRO B 160 -5.83 26.63 -5.69
CA PRO B 160 -6.78 26.86 -6.79
C PRO B 160 -7.66 25.65 -7.09
N GLN B 161 -7.07 24.46 -7.23
CA GLN B 161 -7.87 23.27 -7.51
C GLN B 161 -8.78 22.93 -6.34
N LEU B 162 -8.30 23.13 -5.12
CA LEU B 162 -9.12 22.86 -3.93
C LEU B 162 -10.37 23.72 -3.94
N ILE B 163 -10.21 25.03 -4.18
CA ILE B 163 -11.37 25.92 -4.18
C ILE B 163 -12.26 25.65 -5.39
N HIS B 164 -11.67 25.29 -6.53
CA HIS B 164 -12.47 24.95 -7.70
C HIS B 164 -13.39 23.77 -7.41
N PHE B 165 -12.84 22.70 -6.85
CA PHE B 165 -13.67 21.53 -6.58
C PHE B 165 -14.59 21.74 -5.38
N ASN B 166 -14.23 22.62 -4.45
CA ASN B 166 -15.17 23.05 -3.42
C ASN B 166 -16.41 23.66 -4.05
N GLU B 167 -16.21 24.64 -4.94
CA GLU B 167 -17.34 25.28 -5.60
C GLU B 167 -18.10 24.30 -6.50
N LEU B 168 -17.39 23.35 -7.12
CA LEU B 168 -18.06 22.39 -7.98
C LEU B 168 -18.93 21.44 -7.17
N ALA B 169 -18.43 20.96 -6.02
CA ALA B 169 -19.25 20.14 -5.14
C ALA B 169 -20.45 20.92 -4.63
N ARG B 170 -20.27 22.22 -4.38
CA ARG B 170 -21.42 23.05 -4.01
C ARG B 170 -22.44 23.11 -5.14
N GLN B 171 -21.97 23.22 -6.39
CA GLN B 171 -22.88 23.31 -7.52
C GLN B 171 -23.61 21.99 -7.77
N ASN B 172 -22.98 20.86 -7.46
CA ASN B 172 -23.58 19.55 -7.65
C ASN B 172 -24.38 19.09 -6.44
N GLU B 173 -24.55 19.96 -5.43
CA GLU B 173 -25.28 19.62 -4.20
C GLU B 173 -24.71 18.36 -3.56
N LYS B 174 -23.38 18.25 -3.58
CA LYS B 174 -22.69 17.09 -3.01
C LYS B 174 -21.48 17.61 -2.23
N GLN B 175 -20.63 16.67 -1.82
CA GLN B 175 -19.35 16.98 -1.20
C GLN B 175 -18.23 16.35 -2.02
N ALA B 176 -16.99 16.78 -1.74
CA ALA B 176 -15.84 16.37 -2.53
C ALA B 176 -14.97 15.40 -1.73
N ALA B 177 -14.66 14.26 -2.34
CA ALA B 177 -13.70 13.31 -1.81
C ALA B 177 -12.48 13.32 -2.72
N ILE B 178 -11.34 13.74 -2.18
CA ILE B 178 -10.13 13.95 -2.96
C ILE B 178 -9.11 12.89 -2.56
N THR B 179 -8.68 12.10 -3.54
CA THR B 179 -7.60 11.14 -3.37
C THR B 179 -6.29 11.76 -3.84
N ILE B 180 -5.27 11.71 -3.00
CA ILE B 180 -3.99 12.38 -3.23
C ILE B 180 -2.90 11.33 -3.15
N PRO B 181 -1.96 11.28 -4.11
CA PRO B 181 -0.85 10.34 -3.99
C PRO B 181 0.37 10.99 -3.37
N GLY B 182 1.49 10.27 -3.33
CA GLY B 182 2.73 10.87 -2.89
C GLY B 182 3.26 11.83 -3.93
N ILE B 183 2.70 13.04 -3.96
CA ILE B 183 3.05 14.01 -4.99
C ILE B 183 4.47 14.52 -4.75
N GLY B 184 5.24 14.64 -5.85
CA GLY B 184 6.61 15.08 -5.74
C GLY B 184 7.47 14.21 -4.86
N THR B 185 7.18 12.91 -4.81
CA THR B 185 7.88 11.99 -3.92
C THR B 185 8.48 10.79 -4.64
N GLY B 186 8.02 10.47 -5.85
CA GLY B 186 8.54 9.35 -6.60
C GLY B 186 10.00 9.57 -6.96
N CYS B 187 10.24 10.37 -8.00
CA CYS B 187 11.59 10.72 -8.39
C CYS B 187 11.80 12.22 -8.59
N PHE B 188 10.76 13.04 -8.41
CA PHE B 188 10.91 14.48 -8.42
C PHE B 188 11.53 15.02 -7.14
N SER B 189 12.19 14.15 -6.36
CA SER B 189 12.86 14.54 -5.14
C SER B 189 14.36 14.33 -5.18
N GLY B 190 14.86 13.50 -6.09
CA GLY B 190 16.28 13.28 -6.24
C GLY B 190 16.97 12.81 -4.98
N ALA B 191 17.70 13.70 -4.33
CA ALA B 191 18.46 13.39 -3.12
C ALA B 191 17.65 13.57 -1.85
N TYR B 192 16.33 13.74 -1.97
CA TYR B 192 15.47 13.96 -0.81
C TYR B 192 14.36 12.91 -0.71
N TYR B 193 14.47 11.82 -1.47
CA TYR B 193 13.46 10.76 -1.43
C TYR B 193 13.26 10.21 -0.02
N ASP B 194 14.32 10.23 0.80
CA ASP B 194 14.29 9.60 2.12
C ASP B 194 13.79 10.52 3.22
N VAL B 195 13.39 11.75 2.88
CA VAL B 195 12.98 12.71 3.90
C VAL B 195 11.75 13.48 3.45
N ILE B 196 11.39 13.36 2.16
CA ILE B 196 10.37 14.25 1.60
C ILE B 196 8.94 13.78 1.86
N LYS B 197 8.71 12.50 2.18
CA LYS B 197 7.34 12.06 2.41
C LYS B 197 6.71 12.71 3.65
N PRO B 198 7.35 12.74 4.82
CA PRO B 198 6.75 13.47 5.94
C PRO B 198 6.60 14.96 5.65
N TYR B 199 7.52 15.52 4.87
CA TYR B 199 7.40 16.93 4.49
C TYR B 199 6.15 17.17 3.64
N VAL B 200 5.87 16.27 2.69
CA VAL B 200 4.69 16.42 1.85
C VAL B 200 3.42 16.21 2.66
N ARG B 201 3.43 15.22 3.57
CA ARG B 201 2.28 15.02 4.44
C ARG B 201 2.00 16.26 5.27
N ASN B 202 3.05 16.83 5.87
CA ASN B 202 2.89 18.04 6.67
C ASN B 202 2.43 19.22 5.81
N ALA B 203 2.89 19.30 4.56
CA ALA B 203 2.43 20.35 3.67
C ALA B 203 0.94 20.23 3.41
N LEU B 204 0.47 19.01 3.15
CA LEU B 204 -0.96 18.79 2.93
C LEU B 204 -1.77 19.17 4.17
N ILE B 205 -1.30 18.73 5.35
CA ILE B 205 -2.03 19.02 6.58
C ILE B 205 -2.04 20.51 6.86
N HIS B 206 -0.93 21.20 6.56
CA HIS B 206 -0.86 22.63 6.79
C HIS B 206 -1.78 23.39 5.83
N ILE B 207 -1.84 22.96 4.57
CA ILE B 207 -2.75 23.59 3.62
C ILE B 207 -4.18 23.42 4.07
N LEU B 208 -4.54 22.21 4.53
CA LEU B 208 -5.92 21.96 4.91
C LEU B 208 -6.29 22.63 6.23
N GLU B 209 -5.31 22.85 7.12
CA GLU B 209 -5.57 23.54 8.37
C GLU B 209 -5.61 25.05 8.19
N LYS B 210 -4.86 25.58 7.23
CA LYS B 210 -4.81 27.01 7.01
C LYS B 210 -6.09 27.51 6.33
N HIS B 211 -6.70 26.68 5.49
CA HIS B 211 -7.87 27.04 4.71
C HIS B 211 -9.04 26.12 5.02
N LYS B 212 -9.17 25.72 6.28
CA LYS B 212 -10.25 24.80 6.65
C LYS B 212 -11.62 25.46 6.49
N ASP B 213 -11.74 26.73 6.86
CA ASP B 213 -13.01 27.44 6.75
C ASP B 213 -13.36 27.85 5.33
N SER B 214 -12.41 27.77 4.39
CA SER B 214 -12.66 28.14 3.01
C SER B 214 -13.01 26.94 2.13
N LEU B 215 -13.07 25.73 2.69
CA LEU B 215 -13.37 24.51 1.94
C LEU B 215 -14.46 23.74 2.65
N PRO B 216 -15.68 24.28 2.69
CA PRO B 216 -16.76 23.61 3.46
C PRO B 216 -17.29 22.36 2.77
N TYR B 217 -17.18 22.26 1.44
CA TYR B 217 -17.76 21.15 0.70
C TYR B 217 -16.77 20.04 0.44
N ILE B 218 -15.50 20.21 0.84
CA ILE B 218 -14.54 19.12 0.81
C ILE B 218 -14.69 18.32 2.10
N ASP B 219 -14.88 17.01 1.98
CA ASP B 219 -15.19 16.16 3.11
C ASP B 219 -14.09 15.16 3.42
N ILE B 220 -13.68 14.37 2.44
CA ILE B 220 -12.73 13.29 2.63
C ILE B 220 -11.47 13.57 1.83
N ILE B 221 -10.32 13.46 2.48
CA ILE B 221 -9.02 13.54 1.82
C ILE B 221 -8.33 12.21 2.07
N HIS B 222 -7.96 11.51 1.00
CA HIS B 222 -7.40 10.17 1.07
C HIS B 222 -5.97 10.22 0.51
N TYR B 223 -5.00 10.42 1.39
CA TYR B 223 -3.61 10.53 1.01
C TYR B 223 -2.95 9.15 1.07
N ASP B 224 -2.24 8.78 0.00
CA ASP B 224 -1.67 7.45 -0.13
C ASP B 224 -0.26 7.56 -0.70
N PRO B 225 0.78 7.60 0.15
CA PRO B 225 2.15 7.62 -0.36
C PRO B 225 2.75 6.24 -0.53
N TYR B 226 1.88 5.23 -0.66
CA TYR B 226 2.26 3.83 -0.81
C TYR B 226 3.07 3.32 0.39
N MSE B 227 4.23 3.93 0.64
CA MSE B 227 5.04 3.58 1.81
C MSE B 227 5.68 4.82 2.41
O MSE B 227 5.39 5.93 1.99
CB MSE B 227 6.12 2.56 1.44
CG MSE B 227 5.61 1.17 1.11
SE MSE B 227 7.04 -0.13 0.93
CE MSE B 227 5.99 -1.66 0.34
N GLY B 228 6.54 4.62 3.40
CA GLY B 228 7.29 5.71 4.00
C GLY B 228 6.52 6.58 4.96
N ASP B 229 5.28 6.25 5.28
CA ASP B 229 4.50 7.00 6.25
C ASP B 229 3.60 6.05 7.02
N GLU B 230 3.36 6.39 8.28
CA GLU B 230 2.49 5.55 9.11
C GLU B 230 1.03 5.77 8.71
N PRO B 231 0.22 4.71 8.71
CA PRO B 231 -1.22 4.90 8.49
C PRO B 231 -1.83 5.65 9.66
N ALA B 232 -2.61 6.69 9.35
CA ALA B 232 -3.15 7.54 10.39
C ALA B 232 -4.43 8.20 9.90
N GLU B 233 -5.17 8.77 10.85
CA GLU B 233 -6.39 9.51 10.57
C GLU B 233 -6.40 10.77 11.41
N LYS B 234 -6.62 11.91 10.77
CA LYS B 234 -6.63 13.20 11.45
C LYS B 234 -7.88 13.95 11.04
N LYS B 235 -8.42 14.72 11.99
CA LYS B 235 -9.63 15.51 11.78
C LYS B 235 -9.22 16.97 11.70
N ILE B 236 -9.19 17.49 10.48
CA ILE B 236 -8.82 18.88 10.22
C ILE B 236 -10.13 19.66 10.07
N GLY B 237 -10.54 20.33 11.15
CA GLY B 237 -11.80 21.03 11.16
C GLY B 237 -12.97 20.09 10.94
N HIS B 238 -13.57 20.14 9.76
CA HIS B 238 -14.68 19.27 9.39
C HIS B 238 -14.26 18.19 8.40
N MSE B 239 -12.99 18.13 8.03
CA MSE B 239 -12.52 17.19 7.02
C MSE B 239 -11.83 15.98 7.64
O MSE B 239 -11.29 16.06 8.75
CB MSE B 239 -11.58 17.90 6.05
CG MSE B 239 -12.23 19.03 5.28
SE MSE B 239 -10.97 20.09 4.24
CE MSE B 239 -10.09 21.03 5.71
N SER B 240 -11.84 14.87 6.92
CA SER B 240 -11.21 13.62 7.36
C SER B 240 -9.99 13.37 6.48
N PHE B 241 -8.80 13.62 7.04
CA PHE B 241 -7.54 13.42 6.34
C PHE B 241 -6.98 12.06 6.73
N ARG B 242 -6.97 11.13 5.78
CA ARG B 242 -6.62 9.74 6.02
C ARG B 242 -5.33 9.40 5.29
N VAL B 243 -4.27 9.16 6.04
CA VAL B 243 -3.02 8.65 5.48
C VAL B 243 -3.13 7.13 5.44
N SER B 244 -3.30 6.59 4.23
CA SER B 244 -3.54 5.16 4.03
C SER B 244 -2.54 4.64 3.00
N PRO B 245 -1.32 4.35 3.42
CA PRO B 245 -0.31 3.80 2.50
C PRO B 245 -0.72 2.43 2.00
N SER B 246 -0.83 2.28 0.67
CA SER B 246 -1.29 1.02 0.09
C SER B 246 -0.32 -0.12 0.33
N GLY B 247 0.95 0.17 0.58
CA GLY B 247 1.90 -0.86 0.93
C GLY B 247 1.91 -1.23 2.39
N VAL B 248 1.10 -0.56 3.21
CA VAL B 248 1.05 -0.79 4.64
C VAL B 248 -0.35 -1.25 5.03
N VAL B 249 -1.36 -0.73 4.34
CA VAL B 249 -2.76 -1.05 4.61
C VAL B 249 -3.30 -1.82 3.41
N ARG B 250 -3.47 -3.13 3.56
CA ARG B 250 -3.99 -3.94 2.48
C ARG B 250 -5.49 -3.73 2.33
N GLY B 251 -5.96 -3.74 1.08
CA GLY B 251 -7.37 -3.55 0.80
C GLY B 251 -7.83 -2.11 0.73
N THR B 252 -6.92 -1.15 0.84
CA THR B 252 -7.29 0.26 0.79
C THR B 252 -7.81 0.64 -0.59
N THR B 253 -8.75 1.57 -0.62
CA THR B 253 -9.35 2.02 -1.86
C THR B 253 -8.31 2.69 -2.75
N GLY B 254 -8.36 2.37 -4.04
CA GLY B 254 -7.43 2.96 -4.99
C GLY B 254 -7.67 4.44 -5.21
N GLN B 255 -6.74 5.04 -5.95
CA GLN B 255 -6.79 6.48 -6.20
C GLN B 255 -7.98 6.86 -7.08
N LEU B 256 -8.35 5.99 -8.02
CA LEU B 256 -9.48 6.23 -8.92
C LEU B 256 -10.73 5.51 -8.43
N ASP B 257 -11.00 5.62 -7.13
CA ASP B 257 -12.14 4.96 -6.52
C ASP B 257 -12.56 5.76 -5.29
N TYR B 258 -13.82 5.60 -4.92
CA TYR B 258 -14.38 6.33 -3.77
C TYR B 258 -13.76 5.82 -2.48
N PRO B 259 -13.13 6.69 -1.68
CA PRO B 259 -12.63 6.25 -0.37
C PRO B 259 -13.75 5.91 0.59
N LEU B 260 -13.40 5.43 1.79
CA LEU B 260 -14.40 5.05 2.77
C LEU B 260 -15.25 6.27 3.14
N GLY B 261 -16.55 6.05 3.27
CA GLY B 261 -17.45 7.13 3.64
C GLY B 261 -17.88 8.03 2.50
N SER B 262 -17.61 7.65 1.25
CA SER B 262 -18.01 8.43 0.09
C SER B 262 -18.61 7.50 -0.95
N ASN B 263 -19.58 8.01 -1.70
CA ASN B 263 -20.22 7.27 -2.76
C ASN B 263 -20.73 8.25 -3.80
N PRO B 264 -21.05 7.78 -5.01
CA PRO B 264 -21.45 8.71 -6.08
C PRO B 264 -22.67 9.55 -5.74
N ASP B 265 -23.54 9.08 -4.85
CA ASP B 265 -24.78 9.82 -4.56
C ASP B 265 -24.50 11.05 -3.71
N THR B 266 -23.56 10.96 -2.78
CA THR B 266 -23.28 12.05 -1.84
C THR B 266 -21.91 12.68 -2.03
N HIS B 267 -21.09 12.16 -2.96
CA HIS B 267 -19.74 12.69 -3.16
C HIS B 267 -19.37 12.68 -4.63
N ILE B 268 -18.65 13.73 -5.05
CA ILE B 268 -17.95 13.73 -6.32
C ILE B 268 -16.54 13.24 -6.09
N LEU B 269 -16.04 12.39 -6.99
CA LEU B 269 -14.73 11.78 -6.84
C LEU B 269 -13.73 12.55 -7.70
N VAL B 270 -12.79 13.22 -7.04
CA VAL B 270 -11.72 13.94 -7.72
C VAL B 270 -10.39 13.41 -7.21
N SER B 271 -9.43 13.26 -8.11
CA SER B 271 -8.13 12.71 -7.77
C SER B 271 -7.02 13.64 -8.24
N ILE B 272 -6.03 13.84 -7.38
CA ILE B 272 -4.87 14.68 -7.69
C ILE B 272 -3.83 13.80 -8.38
N VAL B 273 -3.16 14.36 -9.39
CA VAL B 273 -2.18 13.63 -10.18
C VAL B 273 -0.84 14.35 -10.07
N ALA B 274 0.23 13.57 -9.86
CA ALA B 274 1.58 14.12 -9.78
C ALA B 274 2.06 14.46 -11.19
N TRP B 275 1.95 15.73 -11.55
CA TRP B 275 2.31 16.22 -12.87
C TRP B 275 3.78 16.64 -12.87
N ASP B 276 4.23 17.30 -13.93
CA ASP B 276 5.56 17.88 -14.00
C ASP B 276 5.48 19.21 -14.74
N HIS B 277 6.60 19.91 -14.78
CA HIS B 277 6.58 21.30 -15.28
C HIS B 277 6.40 21.36 -16.78
N PHE B 278 6.94 20.41 -17.55
CA PHE B 278 7.14 20.58 -18.97
C PHE B 278 6.34 19.60 -19.83
N SER B 279 5.43 18.84 -19.27
CA SER B 279 4.74 17.81 -20.02
C SER B 279 3.23 18.04 -20.03
N TRP B 280 2.58 17.42 -21.01
CA TRP B 280 1.12 17.38 -21.04
C TRP B 280 0.63 16.48 -19.91
N PRO B 281 -0.66 16.58 -19.56
CA PRO B 281 -1.21 15.60 -18.60
C PRO B 281 -1.14 14.20 -19.17
N GLY B 282 -0.44 13.32 -18.47
CA GLY B 282 -0.23 11.94 -18.88
C GLY B 282 1.24 11.59 -19.10
N ASN B 283 2.06 12.57 -19.47
CA ASN B 283 3.50 12.45 -19.67
C ASN B 283 3.93 11.10 -20.23
N ASP B 284 4.28 10.16 -19.36
CA ASP B 284 4.89 8.92 -19.80
C ASP B 284 3.97 8.12 -20.70
N TYR B 285 2.66 8.16 -20.45
CA TYR B 285 1.74 7.41 -21.29
C TYR B 285 1.60 8.01 -22.68
N TRP B 286 1.98 9.27 -22.86
CA TRP B 286 2.08 9.81 -24.21
C TRP B 286 3.14 9.10 -25.03
N GLY B 287 4.10 8.46 -24.37
CA GLY B 287 5.05 7.58 -25.00
C GLY B 287 4.65 6.13 -24.99
N GLY B 288 3.43 5.81 -24.55
CA GLY B 288 2.93 4.46 -24.56
C GLY B 288 3.26 3.62 -23.35
N ALA B 289 3.83 4.21 -22.30
CA ALA B 289 4.21 3.49 -21.10
C ALA B 289 3.27 3.87 -19.96
N ARG B 290 2.63 2.85 -19.37
CA ARG B 290 1.69 3.06 -18.26
C ARG B 290 2.47 3.11 -16.93
N GLN B 291 3.27 4.16 -16.79
CA GLN B 291 4.12 4.36 -15.63
C GLN B 291 3.83 5.66 -14.90
N THR B 292 4.26 5.67 -13.63
CA THR B 292 4.17 6.82 -12.74
C THR B 292 2.72 7.15 -12.46
N ASP B 293 2.47 7.94 -11.41
CA ASP B 293 1.12 8.35 -11.10
C ASP B 293 0.48 9.04 -12.30
N ASP B 294 1.24 9.91 -12.97
CA ASP B 294 0.75 10.62 -14.14
C ASP B 294 0.31 9.67 -15.24
N GLY B 295 1.22 8.80 -15.68
CA GLY B 295 0.92 7.95 -16.81
C GLY B 295 -0.15 6.93 -16.53
N VAL B 296 -0.13 6.31 -15.35
CA VAL B 296 -1.15 5.31 -15.04
C VAL B 296 -2.52 5.97 -14.91
N LYS B 297 -2.58 7.13 -14.23
CA LYS B 297 -3.87 7.80 -14.07
C LYS B 297 -4.41 8.31 -15.39
N ALA B 298 -3.54 8.69 -16.33
CA ALA B 298 -4.02 9.12 -17.64
C ALA B 298 -4.45 7.93 -18.49
N ALA B 299 -3.71 6.83 -18.42
CA ALA B 299 -4.06 5.65 -19.21
C ALA B 299 -5.33 4.99 -18.69
N SER B 300 -5.56 5.04 -17.38
CA SER B 300 -6.73 4.42 -16.77
C SER B 300 -7.97 5.28 -16.88
N THR B 301 -7.87 6.46 -17.49
CA THR B 301 -8.99 7.35 -17.73
C THR B 301 -9.02 7.71 -19.21
N ASP B 302 -10.00 8.53 -19.60
CA ASP B 302 -10.04 9.06 -20.96
C ASP B 302 -9.38 10.43 -21.04
N THR B 303 -8.25 10.60 -20.35
CA THR B 303 -7.53 11.87 -20.36
C THR B 303 -7.11 12.26 -21.76
N MSE B 304 -6.52 11.32 -22.49
CA MSE B 304 -6.08 11.57 -23.87
C MSE B 304 -7.26 11.97 -24.74
O MSE B 304 -7.13 12.85 -25.59
CB MSE B 304 -5.38 10.34 -24.43
CG MSE B 304 -3.91 10.25 -24.08
SE MSE B 304 -3.54 10.20 -22.16
CE MSE B 304 -1.59 10.20 -22.21
N GLY B 305 -8.40 11.33 -24.51
CA GLY B 305 -9.61 11.70 -25.24
C GLY B 305 -10.07 13.12 -24.92
N GLN B 306 -9.87 13.56 -23.68
CA GLN B 306 -10.31 14.89 -23.29
C GLN B 306 -9.36 15.98 -23.78
N VAL B 307 -8.07 15.68 -23.87
CA VAL B 307 -7.11 16.70 -24.31
C VAL B 307 -7.01 16.75 -25.83
N THR B 308 -7.05 15.59 -26.50
CA THR B 308 -6.95 15.55 -27.96
C THR B 308 -8.28 15.70 -28.67
N GLY B 309 -9.39 15.42 -27.98
CA GLY B 309 -10.69 15.41 -28.63
C GLY B 309 -11.03 14.13 -29.35
N ALA B 310 -10.09 13.18 -29.43
CA ALA B 310 -10.33 11.93 -30.12
C ALA B 310 -11.14 10.98 -29.24
N THR B 311 -11.66 9.93 -29.87
CA THR B 311 -12.48 8.92 -29.20
C THR B 311 -11.69 7.63 -29.15
N GLY B 312 -10.97 7.42 -28.06
CA GLY B 312 -10.26 6.18 -27.84
C GLY B 312 -11.18 5.09 -27.33
N VAL B 313 -10.59 3.92 -27.13
CA VAL B 313 -11.31 2.76 -26.62
C VAL B 313 -10.49 2.15 -25.49
N TYR B 314 -11.15 1.86 -24.36
CA TYR B 314 -10.44 1.30 -23.21
C TYR B 314 -10.27 -0.20 -23.37
N ASP B 315 -9.06 -0.68 -23.12
CA ASP B 315 -8.74 -2.10 -23.20
C ASP B 315 -8.68 -2.66 -21.78
N LYS B 316 -9.53 -3.64 -21.48
CA LYS B 316 -9.58 -4.18 -20.14
C LYS B 316 -8.43 -5.14 -19.87
N LYS B 317 -8.00 -5.89 -20.90
CA LYS B 317 -6.88 -6.80 -20.74
C LYS B 317 -5.57 -6.06 -20.52
N TRP B 318 -5.51 -4.76 -20.85
CA TRP B 318 -4.31 -3.97 -20.67
C TRP B 318 -4.51 -2.77 -19.73
N GLY B 319 -5.74 -2.43 -19.38
CA GLY B 319 -5.99 -1.35 -18.45
C GLY B 319 -5.53 0.01 -18.93
N ARG B 320 -5.75 0.33 -20.20
CA ARG B 320 -5.29 1.58 -20.76
C ARG B 320 -6.27 2.07 -21.82
N TYR B 321 -6.41 3.38 -21.91
CA TYR B 321 -7.25 4.03 -22.92
C TYR B 321 -6.48 4.05 -24.23
N MSE B 322 -6.84 3.16 -25.15
CA MSE B 322 -6.12 3.00 -26.41
C MSE B 322 -6.51 4.06 -27.44
O MSE B 322 -7.63 4.56 -27.42
CB MSE B 322 -6.39 1.61 -27.00
CG MSE B 322 -5.88 0.47 -26.13
SE MSE B 322 -3.94 0.40 -26.06
CE MSE B 322 -3.60 -0.14 -27.89
N PRO B 323 -5.58 4.42 -28.32
CA PRO B 323 -5.90 5.34 -29.41
C PRO B 323 -6.92 4.73 -30.35
N PRO B 324 -7.64 5.54 -31.11
CA PRO B 324 -8.66 5.01 -32.01
C PRO B 324 -8.07 4.05 -33.04
N GLU B 325 -8.87 3.05 -33.42
CA GLU B 325 -8.43 2.04 -34.37
C GLU B 325 -8.14 2.65 -35.74
N SER B 326 -8.85 3.71 -36.13
CA SER B 326 -8.56 4.39 -37.38
C SER B 326 -7.12 4.86 -37.45
N PHE B 327 -6.54 5.27 -36.31
CA PHE B 327 -5.13 5.63 -36.30
C PHE B 327 -4.25 4.39 -36.31
N THR B 328 -4.39 3.52 -35.32
CA THR B 328 -3.54 2.36 -35.13
C THR B 328 -3.74 1.29 -36.22
N LYS B 329 -4.54 1.54 -37.24
CA LYS B 329 -4.90 0.52 -38.21
C LYS B 329 -3.67 -0.05 -38.92
N ASP B 330 -3.07 0.72 -39.82
CA ASP B 330 -1.98 0.22 -40.64
C ASP B 330 -0.64 0.73 -40.15
N ARG B 331 -0.36 0.59 -38.85
CA ARG B 331 0.93 0.95 -38.30
C ARG B 331 1.64 -0.29 -37.77
N LYS B 332 2.97 -0.21 -37.72
CA LYS B 332 3.80 -1.30 -37.24
C LYS B 332 4.17 -1.10 -35.77
N GLY B 333 4.13 -2.19 -35.00
CA GLY B 333 4.48 -2.13 -33.60
C GLY B 333 3.49 -1.31 -32.79
N MSE B 334 3.97 -0.73 -31.70
CA MSE B 334 3.14 0.05 -30.80
C MSE B 334 3.07 1.51 -31.25
O MSE B 334 4.09 2.12 -31.56
CB MSE B 334 3.65 -0.03 -29.37
CG MSE B 334 2.82 0.72 -28.36
SE MSE B 334 3.59 0.71 -26.55
CE MSE B 334 3.55 -1.19 -26.20
N SER B 335 1.86 2.07 -31.27
CA SER B 335 1.63 3.46 -31.66
C SER B 335 1.02 4.19 -30.48
N ASP B 336 1.74 5.16 -29.94
CA ASP B 336 1.31 5.89 -28.75
C ASP B 336 0.48 7.11 -29.14
N TRP B 337 -0.16 7.71 -28.13
CA TRP B 337 -0.94 8.93 -28.35
C TRP B 337 -0.07 10.10 -28.80
N GLY B 338 1.23 10.05 -28.53
CA GLY B 338 2.11 11.09 -29.05
C GLY B 338 2.16 11.10 -30.56
N ASP B 339 2.15 9.92 -31.17
CA ASP B 339 2.06 9.85 -32.63
C ASP B 339 0.75 10.45 -33.12
N TYR B 340 -0.33 10.29 -32.35
CA TYR B 340 -1.60 10.87 -32.73
C TYR B 340 -1.55 12.40 -32.67
N VAL B 341 -0.97 12.96 -31.60
CA VAL B 341 -0.92 14.42 -31.52
C VAL B 341 0.03 14.99 -32.56
N ARG B 342 1.06 14.23 -32.95
CA ARG B 342 1.95 14.72 -34.00
C ARG B 342 1.29 14.66 -35.37
N GLU B 343 0.49 13.62 -35.62
CA GLU B 343 -0.14 13.49 -36.93
C GLU B 343 -1.30 14.47 -37.12
N ASN B 344 -2.01 14.79 -36.04
CA ASN B 344 -3.16 15.69 -36.11
C ASN B 344 -2.83 17.11 -35.70
N GLY B 345 -1.56 17.42 -35.46
CA GLY B 345 -1.17 18.77 -35.08
C GLY B 345 -1.85 19.28 -33.83
N ILE B 346 -2.18 18.38 -32.90
CA ILE B 346 -2.85 18.77 -31.67
C ILE B 346 -1.89 19.49 -30.74
N VAL B 347 -2.37 20.56 -30.12
CA VAL B 347 -1.59 21.37 -29.21
C VAL B 347 -2.30 21.40 -27.86
N PHE B 348 -1.53 21.62 -26.80
CA PHE B 348 -2.09 21.67 -25.45
C PHE B 348 -2.41 23.13 -25.16
N ASN B 349 -3.68 23.49 -25.31
CA ASN B 349 -4.13 24.86 -25.09
C ASN B 349 -5.57 24.82 -24.64
N GLY B 350 -5.89 25.58 -23.60
CA GLY B 350 -7.22 25.61 -23.05
C GLY B 350 -7.45 26.84 -22.19
N PRO B 351 -8.66 26.97 -21.64
CA PRO B 351 -8.95 28.14 -20.81
C PRO B 351 -8.09 28.14 -19.55
N VAL B 352 -7.71 29.33 -19.11
CA VAL B 352 -6.82 29.52 -17.97
C VAL B 352 -7.47 30.49 -17.00
N LEU B 353 -7.44 30.16 -15.72
CA LEU B 353 -8.00 31.00 -14.67
C LEU B 353 -7.01 31.14 -13.52
N ALA B 354 -7.23 32.17 -12.71
CA ALA B 354 -6.39 32.46 -11.57
C ALA B 354 -7.26 32.76 -10.35
N LEU B 355 -6.64 32.69 -9.19
CA LEU B 355 -7.31 32.95 -7.92
C LEU B 355 -6.84 34.29 -7.37
N ASP B 356 -7.79 35.11 -6.93
CA ASP B 356 -7.47 36.40 -6.33
C ASP B 356 -7.31 36.26 -4.83
N LYS B 357 -8.07 37.06 -4.07
CA LYS B 357 -8.15 36.94 -2.62
C LYS B 357 -9.44 36.28 -2.19
N SER B 358 -10.06 35.48 -3.07
CA SER B 358 -11.34 34.85 -2.80
C SER B 358 -11.67 33.82 -3.87
N GLY B 359 -12.24 34.28 -4.98
CA GLY B 359 -12.72 33.44 -6.05
C GLY B 359 -11.71 33.28 -7.18
N LYS B 360 -12.22 32.87 -8.34
CA LYS B 360 -11.41 32.57 -9.51
C LYS B 360 -11.81 33.48 -10.66
N LEU B 361 -10.81 34.11 -11.29
CA LEU B 361 -10.99 34.94 -12.46
C LEU B 361 -9.79 34.83 -13.37
N ASP B 362 -9.41 35.91 -14.06
CA ASP B 362 -8.28 35.80 -14.99
C ASP B 362 -7.42 37.05 -15.10
N THR B 363 -7.95 38.23 -14.79
CA THR B 363 -7.15 39.43 -14.81
C THR B 363 -6.57 39.76 -13.44
N LEU B 364 -5.57 40.64 -13.43
CA LEU B 364 -4.97 41.08 -12.18
C LEU B 364 -5.93 41.94 -11.38
N GLU B 365 -6.41 43.02 -11.99
CA GLU B 365 -7.34 43.93 -11.34
C GLU B 365 -8.07 44.78 -12.37
N ASN C 1 -39.31 -6.22 32.47
CA ASN C 1 -39.56 -4.79 32.58
C ASN C 1 -38.28 -4.03 32.90
N ALA C 2 -37.19 -4.43 32.26
CA ALA C 2 -35.88 -3.83 32.46
C ALA C 2 -35.47 -3.05 31.21
N ALA C 3 -34.27 -2.47 31.27
CA ALA C 3 -33.75 -1.67 30.17
C ALA C 3 -32.86 -2.48 29.23
N TYR C 4 -32.33 -3.60 29.68
CA TYR C 4 -31.49 -4.47 28.85
C TYR C 4 -32.30 -5.62 28.30
N GLN C 5 -31.67 -6.40 27.43
CA GLN C 5 -32.34 -7.52 26.78
C GLN C 5 -31.32 -8.61 26.48
N LEU C 6 -31.64 -9.83 26.88
CA LEU C 6 -30.73 -10.96 26.71
C LEU C 6 -31.11 -11.77 25.48
N LEU C 7 -30.09 -12.29 24.80
CA LEU C 7 -30.27 -13.06 23.58
C LEU C 7 -29.42 -14.32 23.64
N LEU C 8 -29.89 -15.36 22.95
CA LEU C 8 -29.20 -16.63 22.90
C LEU C 8 -29.49 -17.30 21.57
N SER C 9 -28.63 -18.26 21.21
CA SER C 9 -28.73 -18.92 19.92
C SER C 9 -29.72 -20.10 20.00
N LYS C 10 -29.73 -20.94 18.98
CA LYS C 10 -30.63 -22.09 18.93
C LYS C 10 -29.98 -23.35 19.49
N GLU C 11 -28.71 -23.61 19.13
CA GLU C 11 -27.96 -24.69 19.76
C GLU C 11 -27.88 -24.48 21.27
N THR C 12 -27.81 -23.22 21.70
CA THR C 12 -27.82 -22.92 23.12
C THR C 12 -29.13 -23.36 23.77
N LEU C 13 -30.26 -23.11 23.11
CA LEU C 13 -31.54 -23.52 23.66
C LEU C 13 -31.67 -25.05 23.63
N ASN C 14 -31.10 -25.71 22.63
CA ASN C 14 -31.05 -27.16 22.64
C ASN C 14 -30.28 -27.68 23.85
N LYS C 15 -29.11 -27.09 24.11
CA LYS C 15 -28.35 -27.47 25.30
C LYS C 15 -29.15 -27.19 26.56
N ILE C 16 -29.89 -26.09 26.59
CA ILE C 16 -30.67 -25.72 27.76
C ILE C 16 -31.76 -26.76 28.00
N LEU C 17 -32.49 -27.15 26.95
CA LEU C 17 -33.56 -28.13 27.12
C LEU C 17 -32.99 -29.49 27.47
N GLN C 18 -31.82 -29.85 26.94
CA GLN C 18 -31.20 -31.12 27.30
C GLN C 18 -30.78 -31.12 28.76
N TYR C 19 -30.17 -30.04 29.23
CA TYR C 19 -29.78 -29.95 30.63
C TYR C 19 -30.99 -29.95 31.55
N LYS C 20 -32.06 -29.25 31.16
CA LYS C 20 -33.26 -29.25 31.97
C LYS C 20 -33.89 -30.63 32.04
N GLN C 21 -33.92 -31.36 30.92
CA GLN C 21 -34.45 -32.71 30.93
C GLN C 21 -33.59 -33.64 31.77
N ASN C 22 -32.26 -33.49 31.69
CA ASN C 22 -31.37 -34.32 32.49
C ASN C 22 -31.48 -34.00 33.98
N LEU C 23 -31.83 -32.75 34.32
CA LEU C 23 -32.06 -32.41 35.72
C LEU C 23 -33.41 -32.95 36.20
N GLU C 24 -34.43 -32.86 35.34
CA GLU C 24 -35.74 -33.42 35.67
C GLU C 24 -35.67 -34.92 35.86
N LYS C 25 -34.77 -35.59 35.12
CA LYS C 25 -34.66 -37.04 35.22
C LYS C 25 -33.55 -37.48 36.16
N GLY C 26 -32.85 -36.54 36.79
CA GLY C 26 -31.83 -36.87 37.77
C GLY C 26 -30.45 -37.20 37.25
N LEU C 27 -30.14 -36.85 36.00
CA LEU C 27 -28.85 -37.19 35.40
C LEU C 27 -27.80 -36.08 35.57
N ALA C 28 -28.15 -34.97 36.24
CA ALA C 28 -27.22 -33.86 36.40
C ALA C 28 -27.69 -32.98 37.54
N THR C 29 -26.85 -32.83 38.56
CA THR C 29 -27.09 -31.97 39.72
C THR C 29 -26.49 -30.59 39.50
N PRO C 30 -27.21 -29.53 39.87
CA PRO C 30 -26.70 -28.17 39.63
C PRO C 30 -25.46 -27.79 40.44
N GLY C 31 -24.93 -26.60 40.15
CA GLY C 31 -23.80 -26.05 40.88
C GLY C 31 -24.21 -25.25 42.09
N LYS C 32 -23.20 -24.83 42.87
CA LYS C 32 -23.47 -24.10 44.11
C LYS C 32 -24.24 -22.81 43.85
N PHE C 33 -23.75 -21.99 42.91
CA PHE C 33 -24.44 -20.73 42.64
C PHE C 33 -25.76 -20.96 41.90
N PHE C 34 -25.80 -21.93 40.99
CA PHE C 34 -27.06 -22.21 40.31
C PHE C 34 -28.11 -22.74 41.28
N LEU C 35 -27.77 -23.76 42.07
CA LEU C 35 -28.73 -24.29 43.04
C LEU C 35 -29.11 -23.24 44.07
N GLU C 36 -28.16 -22.40 44.48
CA GLU C 36 -28.44 -21.34 45.44
C GLU C 36 -29.44 -20.32 44.88
N GLU C 37 -29.18 -19.84 43.66
CA GLU C 37 -30.09 -18.88 43.02
C GLU C 37 -31.44 -19.50 42.72
N LEU C 38 -31.47 -20.80 42.41
CA LEU C 38 -32.74 -21.49 42.26
C LEU C 38 -33.53 -21.43 43.56
N SER C 39 -32.88 -21.75 44.68
CA SER C 39 -33.54 -21.80 45.97
C SER C 39 -33.90 -20.42 46.50
N LYS C 40 -34.67 -19.69 45.72
CA LYS C 40 -35.19 -18.38 46.09
C LYS C 40 -36.58 -18.13 45.53
N GLN C 41 -37.13 -19.06 44.75
CA GLN C 41 -38.42 -18.98 44.08
C GLN C 41 -39.43 -19.94 44.73
N GLU C 42 -40.51 -20.23 43.98
CA GLU C 42 -41.56 -21.16 44.39
C GLU C 42 -42.01 -21.92 43.14
N LYS C 43 -41.13 -22.75 42.60
CA LYS C 43 -41.44 -23.51 41.38
C LYS C 43 -40.39 -24.59 41.18
N SER C 44 -40.66 -25.47 40.21
CA SER C 44 -39.73 -26.51 39.79
C SER C 44 -40.06 -26.98 38.38
N ILE C 45 -41.28 -27.46 38.19
CA ILE C 45 -41.78 -27.92 36.89
C ILE C 45 -40.78 -28.82 36.15
N ASP C 49 -42.17 -21.51 31.22
CA ASP C 49 -41.36 -21.81 32.40
C ASP C 49 -39.88 -21.91 32.02
N ILE C 50 -39.63 -22.33 30.77
CA ILE C 50 -38.25 -22.47 30.31
C ILE C 50 -37.56 -21.12 30.26
N THR C 51 -38.26 -20.07 29.81
CA THR C 51 -37.63 -18.76 29.77
C THR C 51 -37.34 -18.24 31.18
N THR C 52 -38.15 -18.64 32.17
CA THR C 52 -37.89 -18.25 33.55
C THR C 52 -36.78 -19.10 34.14
N PHE C 53 -36.72 -20.38 33.77
CA PHE C 53 -35.59 -21.22 34.14
C PHE C 53 -34.27 -20.61 33.66
N THR C 54 -34.23 -20.19 32.39
CA THR C 54 -33.03 -19.57 31.84
C THR C 54 -32.76 -18.23 32.51
N GLN C 55 -33.82 -17.47 32.84
CA GLN C 55 -33.62 -16.19 33.50
C GLN C 55 -32.98 -16.38 34.86
N LEU C 56 -33.39 -17.42 35.59
CA LEU C 56 -32.79 -17.68 36.89
C LEU C 56 -31.38 -18.23 36.77
N LEU C 57 -31.13 -19.06 35.74
CA LEU C 57 -29.76 -19.54 35.52
C LEU C 57 -28.82 -18.38 35.21
N ILE C 58 -29.28 -17.43 34.39
CA ILE C 58 -28.48 -16.24 34.12
C ILE C 58 -28.33 -15.40 35.39
N GLN C 59 -29.36 -15.39 36.23
CA GLN C 59 -29.32 -14.64 37.48
C GLN C 59 -28.23 -15.15 38.42
N SER C 60 -27.76 -16.39 38.25
CA SER C 60 -26.70 -16.92 39.08
C SER C 60 -25.39 -16.15 38.96
N LYS C 61 -25.21 -15.38 37.88
CA LYS C 61 -23.99 -14.60 37.71
C LYS C 61 -23.88 -13.54 38.79
N LYS C 62 -22.65 -13.30 39.22
CA LYS C 62 -22.30 -12.30 40.23
C LYS C 62 -21.79 -11.03 39.57
N PRO C 63 -21.86 -9.88 40.24
CA PRO C 63 -21.45 -8.63 39.60
C PRO C 63 -20.02 -8.63 39.09
N GLN C 64 -19.07 -9.18 39.84
CA GLN C 64 -17.66 -9.15 39.47
C GLN C 64 -17.05 -10.53 39.71
N VAL C 65 -16.68 -11.20 38.62
CA VAL C 65 -16.07 -12.53 38.67
C VAL C 65 -14.91 -12.57 37.68
N PHE C 66 -13.78 -13.13 38.12
CA PHE C 66 -12.66 -13.42 37.23
C PHE C 66 -12.84 -14.82 36.65
N ALA C 67 -13.47 -14.89 35.48
CA ALA C 67 -13.81 -16.17 34.88
C ALA C 67 -12.58 -16.99 34.50
N GLU C 68 -11.41 -16.36 34.42
CA GLU C 68 -10.19 -17.03 33.98
C GLU C 68 -9.35 -17.57 35.13
N SER C 69 -9.81 -17.48 36.37
CA SER C 69 -8.98 -17.89 37.50
C SER C 69 -9.79 -18.28 38.73
N GLN C 70 -11.02 -17.78 38.84
CA GLN C 70 -11.81 -17.96 40.05
C GLN C 70 -12.80 -19.13 39.96
N VAL C 71 -12.82 -19.86 38.86
CA VAL C 71 -13.82 -20.90 38.62
C VAL C 71 -13.13 -22.26 38.62
N TYR C 72 -13.77 -23.25 39.26
CA TYR C 72 -13.25 -24.61 39.35
C TYR C 72 -13.97 -25.57 38.41
N HIS C 73 -15.02 -25.11 37.72
CA HIS C 73 -15.74 -25.90 36.72
C HIS C 73 -16.30 -27.19 37.32
N ASP C 74 -17.01 -27.06 38.44
CA ASP C 74 -17.66 -28.19 39.08
C ASP C 74 -18.78 -27.65 39.96
N GLY C 75 -19.18 -28.42 40.97
CA GLY C 75 -20.26 -28.02 41.84
C GLY C 75 -19.95 -26.82 42.72
N THR C 76 -18.66 -26.53 42.94
CA THR C 76 -18.29 -25.44 43.84
C THR C 76 -18.79 -24.08 43.32
N ASP C 77 -18.85 -23.91 42.01
CA ASP C 77 -19.33 -22.66 41.42
C ASP C 77 -20.34 -22.93 40.31
N TRP C 78 -19.85 -23.35 39.14
CA TRP C 78 -20.70 -23.68 38.01
C TRP C 78 -20.19 -24.97 37.38
N THR C 79 -21.13 -25.86 37.05
CA THR C 79 -20.74 -27.08 36.36
C THR C 79 -20.39 -26.77 34.90
N LEU C 80 -19.89 -27.79 34.21
CA LEU C 80 -19.44 -27.58 32.83
C LEU C 80 -20.62 -27.34 31.89
N GLU C 81 -21.76 -27.96 32.14
CA GLU C 81 -22.95 -27.70 31.32
C GLU C 81 -23.48 -26.30 31.56
N GLU C 82 -23.57 -25.88 32.83
CA GLU C 82 -24.01 -24.53 33.14
C GLU C 82 -23.13 -23.49 32.48
N GLU C 83 -21.81 -23.70 32.49
CA GLU C 83 -20.92 -22.71 31.89
C GLU C 83 -20.99 -22.77 30.36
N SER C 84 -21.13 -23.96 29.78
CA SER C 84 -21.30 -24.07 28.33
C SER C 84 -22.57 -23.36 27.87
N ILE C 85 -23.59 -23.31 28.73
CA ILE C 85 -24.80 -22.57 28.39
C ILE C 85 -24.60 -21.07 28.59
N LEU C 86 -24.06 -20.69 29.75
CA LEU C 86 -23.94 -19.27 30.10
C LEU C 86 -22.97 -18.53 29.17
N GLY C 87 -21.93 -19.20 28.67
CA GLY C 87 -20.99 -18.56 27.79
C GLY C 87 -21.56 -18.15 26.45
N ASP C 88 -22.75 -18.66 26.10
CA ASP C 88 -23.40 -18.35 24.84
C ASP C 88 -24.49 -17.31 24.98
N VAL C 89 -24.61 -16.69 26.15
CA VAL C 89 -25.68 -15.73 26.44
C VAL C 89 -25.13 -14.32 26.26
N SER C 90 -25.72 -13.57 25.35
CA SER C 90 -25.37 -12.17 25.15
C SER C 90 -26.44 -11.27 25.75
N VAL C 91 -26.09 -10.00 25.97
CA VAL C 91 -27.03 -9.01 26.49
C VAL C 91 -26.72 -7.67 25.84
N ASN C 92 -27.76 -7.05 25.27
CA ASN C 92 -27.64 -5.72 24.66
C ASN C 92 -28.49 -4.72 25.43
N MSE C 93 -28.19 -3.45 25.20
CA MSE C 93 -28.86 -2.36 25.92
C MSE C 93 -28.52 -0.99 25.34
O MSE C 93 -27.37 -0.73 24.98
CB MSE C 93 -28.46 -2.40 27.41
CG MSE C 93 -27.01 -2.80 27.65
SE MSE C 93 -26.51 -2.67 29.52
CE MSE C 93 -26.64 -0.75 29.69
N PRO C 94 -29.52 -0.12 25.26
CA PRO C 94 -29.25 1.27 24.87
C PRO C 94 -28.46 1.99 25.96
N VAL C 95 -27.43 2.73 25.55
CA VAL C 95 -26.50 3.34 26.48
C VAL C 95 -26.28 4.80 26.10
N THR C 96 -25.72 5.55 27.05
CA THR C 96 -25.28 6.92 26.84
C THR C 96 -23.76 6.95 26.96
N MSE C 97 -23.09 7.19 25.85
CA MSE C 97 -21.63 7.16 25.81
C MSE C 97 -21.02 8.51 26.15
O MSE C 97 -21.12 9.46 25.37
CB MSE C 97 -21.16 6.70 24.43
CG MSE C 97 -21.66 5.30 24.07
SE MSE C 97 -21.56 4.90 22.16
CE MSE C 97 -22.17 3.06 22.22
N TYR C 98 -20.38 8.59 27.31
CA TYR C 98 -19.87 9.85 27.83
C TYR C 98 -18.47 10.19 27.30
N ASN C 99 -17.65 9.18 27.00
CA ASN C 99 -16.35 9.40 26.39
C ASN C 99 -16.13 8.35 25.32
N ASP C 100 -14.98 8.43 24.64
CA ASP C 100 -14.69 7.56 23.51
C ASP C 100 -14.35 6.13 23.93
N GLY C 101 -14.26 5.85 25.23
CA GLY C 101 -13.92 4.53 25.69
C GLY C 101 -12.44 4.24 25.77
N GLY C 102 -11.60 5.27 25.80
CA GLY C 102 -10.17 5.05 25.90
C GLY C 102 -9.76 4.59 27.29
N HIS C 103 -8.74 3.76 27.34
CA HIS C 103 -8.25 3.23 28.61
C HIS C 103 -7.29 4.21 29.27
N GLY C 104 -7.21 4.11 30.60
CA GLY C 104 -6.33 5.00 31.33
C GLY C 104 -6.76 6.45 31.20
N SER C 105 -5.79 7.32 30.98
CA SER C 105 -6.05 8.74 30.76
C SER C 105 -6.26 9.10 29.30
N SER C 106 -6.27 8.12 28.40
CA SER C 106 -6.40 8.38 26.97
C SER C 106 -7.83 8.63 26.53
N PHE C 107 -8.80 8.59 27.45
CA PHE C 107 -10.18 8.82 27.08
C PHE C 107 -10.44 10.29 26.82
N LYS C 108 -11.28 10.59 25.83
CA LYS C 108 -11.66 11.95 25.50
C LYS C 108 -13.17 12.10 25.72
N ASN C 109 -13.54 13.01 26.61
CA ASN C 109 -14.94 13.21 26.93
C ASN C 109 -15.68 13.82 25.74
N HIS C 110 -16.84 13.25 25.42
CA HIS C 110 -17.68 13.84 24.39
C HIS C 110 -18.25 15.16 24.89
N PRO C 111 -18.17 16.24 24.11
CA PRO C 111 -18.83 17.49 24.53
C PRO C 111 -20.32 17.29 24.82
N LYS C 112 -21.05 16.69 23.87
CA LYS C 112 -22.40 16.23 24.11
C LYS C 112 -22.41 14.70 24.11
N PRO C 113 -22.87 14.05 25.17
CA PRO C 113 -22.83 12.58 25.21
C PRO C 113 -23.64 11.97 24.07
N ILE C 114 -23.09 10.93 23.47
CA ILE C 114 -23.69 10.24 22.33
C ILE C 114 -24.66 9.19 22.82
N SER C 115 -25.78 9.03 22.10
CA SER C 115 -26.75 7.98 22.37
C SER C 115 -26.44 6.79 21.45
N GLY C 116 -26.19 5.63 22.05
CA GLY C 116 -25.86 4.44 21.30
C GLY C 116 -26.32 3.16 21.96
N TYR C 117 -25.68 2.04 21.60
CA TYR C 117 -26.07 0.73 22.10
C TYR C 117 -24.83 -0.10 22.39
N LEU C 118 -24.91 -0.92 23.42
CA LEU C 118 -23.86 -1.86 23.76
C LEU C 118 -24.40 -3.28 23.65
N ALA C 119 -23.53 -4.20 23.25
CA ALA C 119 -23.87 -5.62 23.14
C ALA C 119 -22.76 -6.41 23.83
N TYR C 120 -23.00 -6.81 25.07
CA TYR C 120 -22.03 -7.62 25.80
C TYR C 120 -22.09 -9.06 25.30
N VAL C 121 -20.99 -9.54 24.73
CA VAL C 121 -20.90 -10.91 24.22
C VAL C 121 -19.68 -11.56 24.88
N PRO C 122 -19.85 -12.70 25.57
CA PRO C 122 -18.69 -13.33 26.21
C PRO C 122 -17.85 -14.09 25.19
N GLY C 123 -16.54 -13.80 25.20
CA GLY C 123 -15.62 -14.45 24.29
C GLY C 123 -15.25 -15.85 24.73
N ALA C 124 -14.44 -16.50 23.89
CA ALA C 124 -13.99 -17.85 24.19
C ALA C 124 -13.11 -17.85 25.43
N LEU C 125 -13.51 -18.62 26.44
CA LEU C 125 -12.77 -18.71 27.70
C LEU C 125 -11.78 -19.85 27.54
N LEU C 126 -10.50 -19.50 27.35
CA LEU C 126 -9.45 -20.49 27.12
C LEU C 126 -8.38 -20.43 28.20
N ALA C 127 -8.75 -20.09 29.42
CA ALA C 127 -7.79 -20.02 30.52
C ALA C 127 -8.52 -20.22 31.84
N SER C 128 -7.90 -20.99 32.74
CA SER C 128 -8.48 -21.20 34.06
C SER C 128 -7.39 -21.66 35.01
N GLY C 129 -7.53 -21.24 36.27
CA GLY C 129 -6.60 -21.64 37.32
C GLY C 129 -6.78 -23.06 37.80
N SER C 130 -7.90 -23.70 37.48
CA SER C 130 -8.15 -25.07 37.89
C SER C 130 -8.04 -26.02 36.70
N GLY C 131 -9.13 -26.68 36.34
CA GLY C 131 -9.12 -27.64 35.25
C GLY C 131 -9.57 -27.03 33.94
N PRO C 132 -9.66 -27.86 32.91
CA PRO C 132 -10.11 -27.36 31.60
C PRO C 132 -11.55 -26.87 31.64
N THR C 133 -11.82 -25.82 30.87
CA THR C 133 -13.16 -25.27 30.75
C THR C 133 -13.89 -25.88 29.55
N SER C 134 -15.16 -25.52 29.40
CA SER C 134 -15.96 -26.06 28.31
C SER C 134 -15.45 -25.60 26.95
N ASP C 135 -15.18 -24.30 26.80
CA ASP C 135 -14.68 -23.80 25.52
C ASP C 135 -13.40 -24.50 25.10
N MSE C 136 -12.49 -24.76 26.05
CA MSE C 136 -11.26 -25.50 25.76
C MSE C 136 -11.58 -26.92 25.33
O MSE C 136 -10.91 -27.48 24.46
CB MSE C 136 -10.35 -25.51 26.98
CG MSE C 136 -9.67 -24.18 27.26
SE MSE C 136 -8.62 -24.21 28.90
CE MSE C 136 -7.25 -25.49 28.33
N LYS C 137 -12.62 -27.52 25.92
CA LYS C 137 -13.05 -28.83 25.48
C LYS C 137 -13.77 -28.77 24.13
N GLU C 138 -14.20 -27.58 23.72
CA GLU C 138 -14.98 -27.42 22.50
C GLU C 138 -14.12 -27.11 21.27
N VAL C 139 -13.23 -26.13 21.37
CA VAL C 139 -12.52 -25.60 20.21
C VAL C 139 -11.04 -26.00 20.21
N LEU C 140 -10.63 -26.90 21.09
CA LEU C 140 -9.25 -27.36 21.15
C LEU C 140 -9.19 -28.85 20.81
N ASP C 141 -8.23 -29.21 19.97
CA ASP C 141 -7.99 -30.60 19.58
C ASP C 141 -6.52 -30.92 19.85
N ASN C 142 -6.25 -31.55 21.00
CA ASN C 142 -4.90 -31.90 21.42
C ASN C 142 -4.00 -30.66 21.48
N GLY C 143 -4.47 -29.64 22.20
CA GLY C 143 -3.69 -28.43 22.39
C GLY C 143 -3.84 -27.43 21.26
N LYS C 144 -4.08 -27.91 20.05
CA LYS C 144 -4.21 -27.04 18.89
C LYS C 144 -5.57 -26.35 18.89
N LEU C 145 -5.59 -25.12 18.38
CA LEU C 145 -6.81 -24.32 18.32
C LEU C 145 -7.46 -24.53 16.95
N ASN C 146 -8.66 -25.13 16.96
CA ASN C 146 -9.38 -25.39 15.72
C ASN C 146 -10.03 -24.10 15.23
N GLN C 147 -9.69 -23.68 14.01
CA GLN C 147 -10.22 -22.45 13.47
C GLN C 147 -11.72 -22.56 13.21
N ASP C 148 -12.16 -23.68 12.63
CA ASP C 148 -13.57 -23.83 12.27
C ASP C 148 -14.45 -23.90 13.52
N LYS C 149 -13.99 -24.60 14.57
CA LYS C 149 -14.77 -24.66 15.79
C LYS C 149 -14.88 -23.30 16.46
N LEU C 150 -13.81 -22.52 16.45
CA LEU C 150 -13.86 -21.17 16.99
C LEU C 150 -14.80 -20.28 16.18
N ASN C 151 -14.77 -20.44 14.85
CA ASN C 151 -15.70 -19.70 14.01
C ASN C 151 -17.15 -20.06 14.35
N ALA C 152 -17.44 -21.34 14.52
CA ALA C 152 -18.79 -21.76 14.87
C ALA C 152 -19.21 -21.21 16.23
N LEU C 153 -18.29 -21.23 17.19
CA LEU C 153 -18.60 -20.71 18.53
C LEU C 153 -18.92 -19.22 18.48
N TYR C 154 -18.07 -18.43 17.81
CA TYR C 154 -18.32 -17.00 17.76
C TYR C 154 -19.54 -16.66 16.92
N GLU C 155 -19.84 -17.47 15.89
CA GLU C 155 -21.09 -17.31 15.17
C GLU C 155 -22.28 -17.52 16.10
N ARG C 156 -22.28 -18.65 16.82
CA ARG C 156 -23.34 -18.95 17.77
C ARG C 156 -23.53 -17.82 18.77
N ARG C 157 -22.45 -17.18 19.19
CA ARG C 157 -22.53 -16.15 20.22
C ARG C 157 -22.80 -14.75 19.67
N LEU C 158 -22.56 -14.50 18.38
CA LEU C 158 -22.66 -13.16 17.82
C LEU C 158 -23.88 -12.96 16.93
N LEU C 159 -24.28 -13.96 16.15
CA LEU C 159 -25.39 -13.79 15.21
C LEU C 159 -26.68 -13.27 15.84
N PRO C 160 -27.08 -13.68 17.06
CA PRO C 160 -28.28 -13.06 17.64
C PRO C 160 -28.22 -11.55 17.74
N GLN C 161 -27.12 -11.01 18.30
CA GLN C 161 -26.99 -9.56 18.41
C GLN C 161 -26.90 -8.90 17.05
N LEU C 162 -26.22 -9.56 16.10
CA LEU C 162 -26.12 -9.01 14.75
C LEU C 162 -27.49 -8.84 14.13
N ILE C 163 -28.33 -9.88 14.21
CA ILE C 163 -29.66 -9.80 13.60
C ILE C 163 -30.55 -8.83 14.37
N HIS C 164 -30.40 -8.79 15.70
CA HIS C 164 -31.18 -7.84 16.49
C HIS C 164 -30.89 -6.41 16.08
N PHE C 165 -29.60 -6.05 15.97
CA PHE C 165 -29.27 -4.68 15.62
C PHE C 165 -29.48 -4.40 14.13
N ASN C 166 -29.43 -5.42 13.28
CA ASN C 166 -29.87 -5.25 11.89
C ASN C 166 -31.33 -4.82 11.83
N GLU C 167 -32.20 -5.56 12.52
CA GLU C 167 -33.62 -5.22 12.53
C GLU C 167 -33.86 -3.88 13.23
N LEU C 168 -33.07 -3.56 14.25
CA LEU C 168 -33.24 -2.28 14.95
C LEU C 168 -32.84 -1.11 14.07
N ALA C 169 -31.72 -1.24 13.34
CA ALA C 169 -31.33 -0.21 12.39
C ALA C 169 -32.38 -0.06 11.29
N ARG C 170 -32.98 -1.19 10.87
CA ARG C 170 -34.07 -1.10 9.90
C ARG C 170 -35.26 -0.34 10.48
N GLN C 171 -35.57 -0.58 11.76
CA GLN C 171 -36.70 0.11 12.38
C GLN C 171 -36.45 1.59 12.55
N ASN C 172 -35.19 2.00 12.74
CA ASN C 172 -34.83 3.39 12.88
C ASN C 172 -34.55 4.07 11.54
N GLU C 173 -34.78 3.36 10.43
CA GLU C 173 -34.54 3.88 9.09
C GLU C 173 -33.10 4.36 8.94
N LYS C 174 -32.16 3.60 9.50
CA LYS C 174 -30.74 3.93 9.46
C LYS C 174 -29.98 2.65 9.15
N GLN C 175 -28.66 2.73 9.29
CA GLN C 175 -27.78 1.57 9.18
C GLN C 175 -27.00 1.41 10.48
N ALA C 176 -26.36 0.26 10.62
CA ALA C 176 -25.66 -0.10 11.86
C ALA C 176 -24.16 -0.03 11.64
N ALA C 177 -23.49 0.72 12.52
CA ALA C 177 -22.03 0.76 12.57
C ALA C 177 -21.60 0.09 13.86
N ILE C 178 -20.90 -1.04 13.74
CA ILE C 178 -20.55 -1.88 14.88
C ILE C 178 -19.04 -1.79 15.09
N THR C 179 -18.64 -1.32 16.27
CA THR C 179 -17.24 -1.32 16.69
C THR C 179 -16.99 -2.56 17.54
N ILE C 180 -15.94 -3.30 17.20
CA ILE C 180 -15.63 -4.58 17.83
C ILE C 180 -14.22 -4.51 18.37
N PRO C 181 -13.97 -4.92 19.61
CA PRO C 181 -12.60 -4.95 20.12
C PRO C 181 -11.94 -6.31 19.97
N GLY C 182 -10.74 -6.46 20.50
CA GLY C 182 -10.10 -7.76 20.53
C GLY C 182 -10.75 -8.69 21.53
N ILE C 183 -11.88 -9.29 21.13
CA ILE C 183 -12.65 -10.12 22.05
C ILE C 183 -11.91 -11.41 22.35
N GLY C 184 -11.94 -11.82 23.60
CA GLY C 184 -11.25 -13.03 24.02
C GLY C 184 -9.76 -13.01 23.76
N THR C 185 -9.13 -11.85 23.92
CA THR C 185 -7.73 -11.68 23.58
C THR C 185 -6.85 -11.17 24.71
N GLY C 186 -7.42 -10.55 25.74
CA GLY C 186 -6.61 -10.03 26.83
C GLY C 186 -5.89 -11.11 27.60
N CYS C 187 -6.59 -11.77 28.52
CA CYS C 187 -6.06 -12.91 29.24
C CYS C 187 -7.05 -14.08 29.26
N PHE C 188 -8.21 -13.95 28.63
CA PHE C 188 -9.13 -15.07 28.45
C PHE C 188 -8.66 -16.02 27.37
N SER C 189 -7.38 -15.95 27.02
CA SER C 189 -6.79 -16.84 26.02
C SER C 189 -5.68 -17.72 26.59
N GLY C 190 -5.13 -17.38 27.75
CA GLY C 190 -4.10 -18.18 28.40
C GLY C 190 -2.87 -18.44 27.55
N ALA C 191 -2.76 -19.67 27.05
CA ALA C 191 -1.61 -20.10 26.26
C ALA C 191 -1.77 -19.81 24.77
N TYR C 192 -2.77 -19.01 24.40
CA TYR C 192 -3.04 -18.72 22.99
C TYR C 192 -3.01 -17.23 22.69
N TYR C 193 -2.49 -16.41 23.60
CA TYR C 193 -2.41 -14.97 23.37
C TYR C 193 -1.64 -14.63 22.10
N ASP C 194 -0.67 -15.45 21.73
CA ASP C 194 0.22 -15.17 20.61
C ASP C 194 -0.30 -15.68 19.27
N VAL C 195 -1.49 -16.30 19.24
CA VAL C 195 -1.99 -16.89 18.00
C VAL C 195 -3.48 -16.59 17.82
N ILE C 196 -4.13 -16.08 18.87
CA ILE C 196 -5.58 -15.98 18.84
C ILE C 196 -6.10 -14.74 18.11
N LYS C 197 -5.26 -13.72 17.91
CA LYS C 197 -5.74 -12.53 17.21
C LYS C 197 -6.10 -12.81 15.75
N PRO C 198 -5.26 -13.44 14.94
CA PRO C 198 -5.71 -13.78 13.58
C PRO C 198 -6.87 -14.76 13.56
N TYR C 199 -6.93 -15.66 14.53
CA TYR C 199 -8.07 -16.59 14.59
C TYR C 199 -9.38 -15.86 14.84
N VAL C 200 -9.37 -14.88 15.76
CA VAL C 200 -10.58 -14.11 16.02
C VAL C 200 -10.93 -13.22 14.83
N ARG C 201 -9.92 -12.63 14.19
CA ARG C 201 -10.18 -11.84 12.99
C ARG C 201 -10.84 -12.69 11.91
N ASN C 202 -10.29 -13.88 11.67
CA ASN C 202 -10.86 -14.78 10.67
C ASN C 202 -12.24 -15.25 11.07
N ALA C 203 -12.49 -15.44 12.37
CA ALA C 203 -13.83 -15.80 12.83
C ALA C 203 -14.84 -14.70 12.54
N LEU C 204 -14.47 -13.45 12.81
CA LEU C 204 -15.36 -12.33 12.50
C LEU C 204 -15.63 -12.26 10.99
N ILE C 205 -14.57 -12.39 10.19
CA ILE C 205 -14.72 -12.31 8.74
C ILE C 205 -15.60 -13.46 8.24
N HIS C 206 -15.45 -14.65 8.82
CA HIS C 206 -16.27 -15.78 8.40
C HIS C 206 -17.72 -15.59 8.78
N ILE C 207 -17.98 -15.04 9.97
CA ILE C 207 -19.36 -14.78 10.38
C ILE C 207 -20.00 -13.78 9.44
N LEU C 208 -19.27 -12.70 9.09
CA LEU C 208 -19.85 -11.66 8.26
C LEU C 208 -19.97 -12.11 6.80
N GLU C 209 -19.11 -13.03 6.35
CA GLU C 209 -19.20 -13.54 4.99
C GLU C 209 -20.28 -14.61 4.85
N LYS C 210 -20.54 -15.36 5.91
CA LYS C 210 -21.53 -16.42 5.86
C LYS C 210 -22.96 -15.87 5.90
N HIS C 211 -23.18 -14.75 6.58
CA HIS C 211 -24.51 -14.17 6.75
C HIS C 211 -24.56 -12.75 6.22
N LYS C 212 -23.84 -12.48 5.12
CA LYS C 212 -23.84 -11.13 4.57
C LYS C 212 -25.20 -10.75 4.00
N ASP C 213 -25.88 -11.71 3.35
CA ASP C 213 -27.18 -11.43 2.75
C ASP C 213 -28.30 -11.35 3.79
N SER C 214 -28.06 -11.78 5.02
CA SER C 214 -29.05 -11.72 6.08
C SER C 214 -28.92 -10.48 6.94
N LEU C 215 -27.94 -9.61 6.66
CA LEU C 215 -27.69 -8.40 7.43
C LEU C 215 -27.54 -7.22 6.48
N PRO C 216 -28.64 -6.83 5.80
CA PRO C 216 -28.52 -5.77 4.79
C PRO C 216 -28.35 -4.38 5.38
N TYR C 217 -28.80 -4.14 6.61
CA TYR C 217 -28.79 -2.81 7.19
C TYR C 217 -27.55 -2.56 8.05
N ILE C 218 -26.69 -3.54 8.22
CA ILE C 218 -25.38 -3.35 8.84
C ILE C 218 -24.41 -2.88 7.77
N ASP C 219 -23.74 -1.77 8.01
CA ASP C 219 -22.91 -1.11 7.01
C ASP C 219 -21.43 -1.13 7.36
N ILE C 220 -21.07 -0.64 8.54
CA ILE C 220 -19.68 -0.45 8.93
C ILE C 220 -19.37 -1.35 10.11
N ILE C 221 -18.26 -2.09 10.02
CA ILE C 221 -17.72 -2.87 11.12
C ILE C 221 -16.33 -2.34 11.40
N HIS C 222 -16.10 -1.90 12.63
CA HIS C 222 -14.83 -1.27 13.01
C HIS C 222 -14.17 -2.15 14.07
N TYR C 223 -13.30 -3.05 13.63
CA TYR C 223 -12.61 -3.98 14.52
C TYR C 223 -11.27 -3.39 14.94
N ASP C 224 -11.00 -3.41 16.25
CA ASP C 224 -9.82 -2.78 16.81
C ASP C 224 -9.21 -3.68 17.88
N PRO C 225 -8.22 -4.50 17.51
CA PRO C 225 -7.53 -5.33 18.50
C PRO C 225 -6.31 -4.63 19.09
N TYR C 226 -6.32 -3.30 19.04
CA TYR C 226 -5.22 -2.45 19.52
C TYR C 226 -3.92 -2.71 18.76
N MSE C 227 -3.43 -3.94 18.78
CA MSE C 227 -2.26 -4.31 17.98
C MSE C 227 -2.22 -5.81 17.75
O MSE C 227 -3.17 -6.53 18.07
CB MSE C 227 -0.96 -3.84 18.65
CG MSE C 227 -0.81 -4.23 20.11
SE MSE C 227 0.91 -3.65 20.84
CE MSE C 227 0.88 -1.80 20.19
N GLY C 228 -1.12 -6.29 17.15
CA GLY C 228 -1.01 -7.70 16.81
C GLY C 228 -1.70 -8.08 15.53
N ASP C 229 -2.21 -7.11 14.76
CA ASP C 229 -2.84 -7.39 13.48
C ASP C 229 -2.53 -6.24 12.53
N GLU C 230 -2.45 -6.57 11.24
CA GLU C 230 -2.16 -5.54 10.26
C GLU C 230 -3.39 -4.66 10.03
N PRO C 231 -3.21 -3.36 9.86
CA PRO C 231 -4.35 -2.49 9.52
C PRO C 231 -4.82 -2.81 8.10
N ALA C 232 -6.13 -3.00 7.94
CA ALA C 232 -6.65 -3.39 6.64
C ALA C 232 -8.11 -2.96 6.52
N GLU C 233 -8.58 -2.99 5.28
CA GLU C 233 -9.96 -2.68 4.92
C GLU C 233 -10.44 -3.73 3.95
N LYS C 234 -11.57 -4.35 4.24
CA LYS C 234 -12.12 -5.42 3.41
C LYS C 234 -13.59 -5.12 3.14
N LYS C 235 -14.03 -5.50 1.95
CA LYS C 235 -15.41 -5.29 1.52
C LYS C 235 -16.11 -6.65 1.51
N ILE C 236 -16.92 -6.90 2.53
CA ILE C 236 -17.67 -8.14 2.67
C ILE C 236 -19.07 -7.84 2.16
N GLY C 237 -19.34 -8.20 0.90
CA GLY C 237 -20.60 -7.88 0.28
C GLY C 237 -20.83 -6.38 0.21
N HIS C 238 -21.72 -5.87 1.06
CA HIS C 238 -22.01 -4.44 1.13
C HIS C 238 -21.41 -3.79 2.36
N MSE C 239 -20.79 -4.57 3.26
CA MSE C 239 -20.29 -4.06 4.52
C MSE C 239 -18.81 -3.70 4.41
O MSE C 239 -18.05 -4.35 3.70
CB MSE C 239 -20.51 -5.08 5.63
CG MSE C 239 -21.97 -5.45 5.84
SE MSE C 239 -22.20 -6.87 7.16
CE MSE C 239 -21.37 -8.34 6.17
N SER C 240 -18.42 -2.66 5.14
CA SER C 240 -17.02 -2.21 5.20
C SER C 240 -16.43 -2.70 6.52
N PHE C 241 -15.60 -3.74 6.44
CA PHE C 241 -14.94 -4.32 7.61
C PHE C 241 -13.54 -3.72 7.71
N ARG C 242 -13.33 -2.88 8.71
CA ARG C 242 -12.09 -2.12 8.86
C ARG C 242 -11.38 -2.60 10.12
N VAL C 243 -10.25 -3.28 9.94
CA VAL C 243 -9.39 -3.64 11.06
C VAL C 243 -8.41 -2.47 11.25
N SER C 244 -8.61 -1.72 12.33
CA SER C 244 -7.86 -0.48 12.60
C SER C 244 -7.29 -0.57 14.00
N PRO C 245 -6.15 -1.25 14.17
CA PRO C 245 -5.51 -1.33 15.49
C PRO C 245 -5.06 0.04 15.97
N SER C 246 -5.57 0.45 17.15
CA SER C 246 -5.27 1.78 17.68
C SER C 246 -3.80 1.97 18.01
N GLY C 247 -3.06 0.90 18.25
CA GLY C 247 -1.63 1.00 18.49
C GLY C 247 -0.78 1.06 17.25
N VAL C 248 -1.39 0.97 16.07
CA VAL C 248 -0.66 0.99 14.80
C VAL C 248 -1.14 2.17 13.97
N VAL C 249 -2.42 2.51 14.09
CA VAL C 249 -3.02 3.60 13.32
C VAL C 249 -3.38 4.70 14.32
N ARG C 250 -2.61 5.78 14.31
CA ARG C 250 -2.90 6.89 15.21
C ARG C 250 -4.08 7.69 14.68
N GLY C 251 -4.90 8.19 15.60
CA GLY C 251 -6.09 8.92 15.24
C GLY C 251 -7.30 8.04 15.00
N THR C 252 -7.20 6.75 15.28
CA THR C 252 -8.31 5.83 15.07
C THR C 252 -9.47 6.18 16.00
N THR C 253 -10.69 6.02 15.49
CA THR C 253 -11.88 6.30 16.29
C THR C 253 -11.97 5.32 17.45
N GLY C 254 -12.41 5.81 18.60
CA GLY C 254 -12.58 4.95 19.75
C GLY C 254 -13.75 4.01 19.59
N GLN C 255 -13.85 3.06 20.54
CA GLN C 255 -14.91 2.06 20.48
C GLN C 255 -16.27 2.69 20.73
N LEU C 256 -16.32 3.73 21.57
CA LEU C 256 -17.57 4.44 21.87
C LEU C 256 -17.70 5.70 21.03
N ASP C 257 -17.41 5.62 19.74
CA ASP C 257 -17.49 6.76 18.86
C ASP C 257 -17.79 6.27 17.44
N TYR C 258 -18.36 7.16 16.64
CA TYR C 258 -18.73 6.80 15.28
C TYR C 258 -17.50 6.60 14.41
N PRO C 259 -17.34 5.44 13.77
CA PRO C 259 -16.23 5.26 12.83
C PRO C 259 -16.41 6.09 11.57
N LEU C 260 -15.42 6.06 10.68
CA LEU C 260 -15.47 6.85 9.46
C LEU C 260 -16.67 6.48 8.60
N GLY C 261 -17.31 7.49 8.03
CA GLY C 261 -18.46 7.28 7.18
C GLY C 261 -19.77 7.09 7.90
N SER C 262 -19.81 7.34 9.20
CA SER C 262 -21.03 7.20 9.98
C SER C 262 -21.19 8.38 10.94
N ASN C 263 -22.44 8.75 11.18
CA ASN C 263 -22.80 9.80 12.13
C ASN C 263 -24.20 9.50 12.62
N PRO C 264 -24.64 10.13 13.71
CA PRO C 264 -25.98 9.82 14.25
C PRO C 264 -27.10 10.00 13.25
N ASP C 265 -26.91 10.78 12.18
CA ASP C 265 -27.99 11.03 11.25
C ASP C 265 -28.26 9.83 10.36
N THR C 266 -27.22 9.11 9.93
CA THR C 266 -27.38 8.00 9.01
C THR C 266 -27.02 6.64 9.62
N HIS C 267 -26.55 6.61 10.86
CA HIS C 267 -26.12 5.36 11.47
C HIS C 267 -26.46 5.34 12.95
N ILE C 268 -26.88 4.17 13.43
CA ILE C 268 -26.96 3.91 14.86
C ILE C 268 -25.63 3.28 15.28
N LEU C 269 -25.10 3.72 16.41
CA LEU C 269 -23.79 3.30 16.88
C LEU C 269 -23.97 2.21 17.93
N VAL C 270 -23.55 1.00 17.60
CA VAL C 270 -23.58 -0.12 18.52
C VAL C 270 -22.15 -0.66 18.66
N SER C 271 -21.78 -1.01 19.88
CA SER C 271 -20.42 -1.48 20.18
C SER C 271 -20.49 -2.81 20.92
N ILE C 272 -19.64 -3.74 20.52
CA ILE C 272 -19.55 -5.05 21.14
C ILE C 272 -18.60 -4.97 22.33
N VAL C 273 -18.95 -5.66 23.40
CA VAL C 273 -18.18 -5.65 24.64
C VAL C 273 -17.74 -7.07 24.95
N ALA C 274 -16.46 -7.23 25.31
CA ALA C 274 -15.92 -8.54 25.67
C ALA C 274 -16.40 -8.90 27.07
N TRP C 275 -17.45 -9.71 27.13
CA TRP C 275 -18.08 -10.12 28.39
C TRP C 275 -17.41 -11.39 28.90
N ASP C 276 -17.99 -12.02 29.91
CA ASP C 276 -17.53 -13.30 30.40
C ASP C 276 -18.72 -14.14 30.82
N HIS C 277 -18.46 -15.40 31.19
CA HIS C 277 -19.54 -16.35 31.40
C HIS C 277 -20.31 -16.07 32.67
N PHE C 278 -19.63 -15.62 33.73
CA PHE C 278 -20.19 -15.67 35.08
C PHE C 278 -20.37 -14.31 35.74
N SER C 279 -20.22 -13.21 35.00
CA SER C 279 -20.30 -11.89 35.60
C SER C 279 -21.41 -11.07 34.96
N TRP C 280 -21.84 -10.04 35.68
CA TRP C 280 -22.77 -9.06 35.14
C TRP C 280 -22.07 -8.22 34.07
N PRO C 281 -22.84 -7.53 33.23
CA PRO C 281 -22.22 -6.57 32.31
C PRO C 281 -21.54 -5.46 33.09
N GLY C 282 -20.23 -5.32 32.86
CA GLY C 282 -19.39 -4.36 33.55
C GLY C 282 -18.28 -5.00 34.35
N ASN C 283 -18.49 -6.23 34.81
CA ASN C 283 -17.53 -7.05 35.55
C ASN C 283 -16.64 -6.23 36.49
N ASP C 284 -15.43 -5.90 36.02
CA ASP C 284 -14.42 -5.30 36.89
C ASP C 284 -14.86 -3.94 37.43
N TYR C 285 -15.63 -3.18 36.64
CA TYR C 285 -16.06 -1.88 37.15
C TYR C 285 -17.09 -2.01 38.26
N TRP C 286 -17.74 -3.17 38.40
CA TRP C 286 -18.55 -3.42 39.58
C TRP C 286 -17.71 -3.42 40.84
N GLY C 287 -16.40 -3.65 40.71
CA GLY C 287 -15.43 -3.50 41.77
C GLY C 287 -14.75 -2.16 41.81
N GLY C 288 -15.20 -1.19 41.00
CA GLY C 288 -14.66 0.15 41.04
C GLY C 288 -13.43 0.39 40.18
N ALA C 289 -13.06 -0.55 39.33
CA ALA C 289 -11.86 -0.44 38.51
C ALA C 289 -12.26 -0.23 37.05
N ARG C 290 -11.78 0.86 36.45
CA ARG C 290 -12.03 1.15 35.05
C ARG C 290 -10.99 0.43 34.18
N GLN C 291 -11.02 -0.90 34.26
CA GLN C 291 -10.07 -1.76 33.58
C GLN C 291 -10.83 -2.71 32.66
N THR C 292 -10.11 -3.24 31.67
CA THR C 292 -10.60 -4.21 30.71
C THR C 292 -11.70 -3.63 29.81
N ASP C 293 -11.94 -4.25 28.67
CA ASP C 293 -12.98 -3.77 27.76
C ASP C 293 -14.33 -3.67 28.45
N ASP C 294 -14.69 -4.71 29.22
CA ASP C 294 -15.95 -4.73 29.95
C ASP C 294 -16.05 -3.53 30.89
N GLY C 295 -15.07 -3.41 31.79
CA GLY C 295 -15.13 -2.37 32.81
C GLY C 295 -15.04 -0.97 32.25
N VAL C 296 -14.16 -0.76 31.26
CA VAL C 296 -14.01 0.57 30.67
C VAL C 296 -15.29 0.95 29.93
N LYS C 297 -15.85 0.03 29.15
CA LYS C 297 -17.07 0.34 28.40
C LYS C 297 -18.25 0.55 29.33
N ALA C 298 -18.28 -0.12 30.48
CA ALA C 298 -19.37 0.10 31.42
C ALA C 298 -19.21 1.41 32.18
N ALA C 299 -17.98 1.75 32.56
CA ALA C 299 -17.76 3.00 33.29
C ALA C 299 -17.95 4.22 32.42
N SER C 300 -17.62 4.12 31.13
CA SER C 300 -17.75 5.24 30.21
C SER C 300 -19.17 5.41 29.68
N THR C 301 -20.09 4.54 30.10
CA THR C 301 -21.50 4.63 29.73
C THR C 301 -22.35 4.63 30.99
N ASP C 302 -23.66 4.70 30.80
CA ASP C 302 -24.61 4.55 31.91
C ASP C 302 -25.09 3.12 32.07
N THR C 303 -24.17 2.16 31.89
CA THR C 303 -24.54 0.75 32.00
C THR C 303 -25.11 0.43 33.37
N MSE C 304 -24.46 0.89 34.43
CA MSE C 304 -24.93 0.64 35.78
C MSE C 304 -26.28 1.29 36.02
O MSE C 304 -27.10 0.76 36.76
CB MSE C 304 -23.90 1.12 36.80
CG MSE C 304 -22.77 0.14 37.06
SE MSE C 304 -21.70 -0.31 35.50
CE MSE C 304 -20.52 -1.62 36.31
N GLY C 305 -26.51 2.44 35.38
CA GLY C 305 -27.82 3.07 35.48
C GLY C 305 -28.91 2.23 34.88
N GLN C 306 -28.61 1.52 33.78
CA GLN C 306 -29.60 0.67 33.13
C GLN C 306 -29.78 -0.66 33.84
N VAL C 307 -28.72 -1.18 34.47
CA VAL C 307 -28.82 -2.49 35.11
C VAL C 307 -29.41 -2.38 36.50
N THR C 308 -29.01 -1.35 37.25
CA THR C 308 -29.50 -1.15 38.60
C THR C 308 -30.80 -0.35 38.66
N GLY C 309 -31.08 0.44 37.63
CA GLY C 309 -32.20 1.35 37.65
C GLY C 309 -31.94 2.65 38.36
N ALA C 310 -30.77 2.81 39.00
CA ALA C 310 -30.43 4.02 39.71
C ALA C 310 -29.97 5.10 38.73
N THR C 311 -29.91 6.33 39.23
CA THR C 311 -29.51 7.48 38.43
C THR C 311 -28.13 7.93 38.93
N GLY C 312 -27.08 7.41 38.28
CA GLY C 312 -25.74 7.83 38.59
C GLY C 312 -25.40 9.15 37.94
N VAL C 313 -24.16 9.59 38.17
CA VAL C 313 -23.65 10.85 37.63
C VAL C 313 -22.29 10.58 37.02
N TYR C 314 -22.07 11.07 35.81
CA TYR C 314 -20.79 10.86 35.12
C TYR C 314 -19.77 11.89 35.59
N ASP C 315 -18.56 11.40 35.91
CA ASP C 315 -17.46 12.25 36.31
C ASP C 315 -16.51 12.41 35.13
N LYS C 316 -16.33 13.66 34.69
CA LYS C 316 -15.51 13.92 33.50
C LYS C 316 -14.02 13.84 33.81
N LYS C 317 -13.61 14.26 35.02
CA LYS C 317 -12.21 14.20 35.40
C LYS C 317 -11.71 12.76 35.56
N TRP C 318 -12.62 11.80 35.68
CA TRP C 318 -12.25 10.40 35.84
C TRP C 318 -12.80 9.50 34.74
N GLY C 319 -13.72 9.99 33.91
CA GLY C 319 -14.25 9.21 32.81
C GLY C 319 -15.01 7.97 33.24
N ARG C 320 -15.84 8.08 34.27
CA ARG C 320 -16.56 6.93 34.79
C ARG C 320 -17.93 7.38 35.30
N TYR C 321 -18.91 6.51 35.15
CA TYR C 321 -20.27 6.75 35.64
C TYR C 321 -20.28 6.48 37.15
N MSE C 322 -20.35 7.54 37.93
CA MSE C 322 -20.26 7.43 39.39
C MSE C 322 -21.61 7.10 40.03
O MSE C 322 -22.67 7.46 39.50
CB MSE C 322 -19.70 8.72 39.99
CG MSE C 322 -18.29 9.04 39.57
SE MSE C 322 -17.02 7.69 40.21
CE MSE C 322 -17.11 8.08 42.13
N PRO C 323 -21.57 6.41 41.17
CA PRO C 323 -22.79 6.18 41.95
C PRO C 323 -23.43 7.49 42.38
N PRO C 324 -24.72 7.49 42.71
CA PRO C 324 -25.41 8.74 43.04
C PRO C 324 -24.77 9.49 44.19
N GLU C 325 -24.85 10.82 44.12
CA GLU C 325 -24.31 11.67 45.17
C GLU C 325 -25.06 11.45 46.49
N SER C 326 -26.37 11.27 46.40
CA SER C 326 -27.14 10.90 47.60
C SER C 326 -26.59 9.62 48.21
N PHE C 327 -26.09 8.72 47.37
CA PHE C 327 -25.43 7.50 47.82
C PHE C 327 -23.99 7.76 48.28
N THR C 328 -23.16 8.31 47.38
CA THR C 328 -21.73 8.46 47.59
C THR C 328 -21.36 9.49 48.69
N LYS C 329 -22.27 10.07 49.46
CA LYS C 329 -21.92 11.18 50.34
C LYS C 329 -20.89 10.86 51.44
N ASP C 330 -21.29 10.17 52.49
CA ASP C 330 -20.48 10.05 53.70
C ASP C 330 -19.80 8.68 53.81
N ARG C 331 -19.03 8.31 52.79
CA ARG C 331 -18.32 7.05 52.85
C ARG C 331 -16.80 7.20 52.96
N LYS C 332 -16.19 6.15 53.50
CA LYS C 332 -14.74 6.03 53.64
C LYS C 332 -14.17 5.23 52.48
N GLY C 333 -13.05 5.69 51.94
CA GLY C 333 -12.42 5.00 50.83
C GLY C 333 -13.27 5.05 49.57
N MSE C 334 -13.06 4.06 48.70
CA MSE C 334 -13.79 3.99 47.44
C MSE C 334 -14.94 2.98 47.56
O MSE C 334 -14.81 1.93 48.19
CB MSE C 334 -12.87 3.60 46.29
CG MSE C 334 -13.57 3.45 44.96
SE MSE C 334 -12.43 2.75 43.56
CE MSE C 334 -11.13 4.21 43.49
N SER C 335 -16.05 3.31 46.91
CA SER C 335 -17.27 2.51 46.99
C SER C 335 -17.75 2.22 45.57
N ASP C 336 -17.73 0.95 45.20
CA ASP C 336 -18.07 0.52 43.86
C ASP C 336 -19.58 0.26 43.73
N TRP C 337 -20.02 0.11 42.49
CA TRP C 337 -21.42 -0.22 42.24
C TRP C 337 -21.81 -1.58 42.80
N GLY C 338 -20.84 -2.46 43.04
CA GLY C 338 -21.15 -3.72 43.69
C GLY C 338 -21.67 -3.52 45.11
N ASP C 339 -21.09 -2.56 45.84
CA ASP C 339 -21.61 -2.22 47.16
C ASP C 339 -23.04 -1.69 47.07
N TYR C 340 -23.33 -0.94 46.01
CA TYR C 340 -24.70 -0.43 45.81
C TYR C 340 -25.66 -1.57 45.55
N VAL C 341 -25.25 -2.53 44.70
CA VAL C 341 -26.13 -3.65 44.38
C VAL C 341 -26.32 -4.56 45.59
N ARG C 342 -25.30 -4.65 46.45
CA ARG C 342 -25.44 -5.47 47.66
C ARG C 342 -26.34 -4.77 48.68
N GLU C 343 -26.22 -3.46 48.81
CA GLU C 343 -27.01 -2.73 49.80
C GLU C 343 -28.46 -2.56 49.36
N ASN C 344 -28.72 -2.41 48.06
CA ASN C 344 -30.06 -2.20 47.55
C ASN C 344 -30.70 -3.47 47.00
N GLY C 345 -30.04 -4.61 47.15
CA GLY C 345 -30.62 -5.87 46.69
C GLY C 345 -30.93 -5.92 45.22
N ILE C 346 -30.18 -5.20 44.39
CA ILE C 346 -30.44 -5.20 42.95
C ILE C 346 -30.01 -6.53 42.36
N VAL C 347 -30.82 -7.06 41.44
CA VAL C 347 -30.54 -8.35 40.82
C VAL C 347 -30.51 -8.17 39.30
N PHE C 348 -29.73 -9.03 38.65
CA PHE C 348 -29.57 -9.00 37.20
C PHE C 348 -30.54 -9.99 36.56
N ASN C 349 -31.67 -9.47 36.08
CA ASN C 349 -32.69 -10.31 35.46
C ASN C 349 -33.46 -9.49 34.45
N GLY C 350 -33.71 -10.06 33.28
CA GLY C 350 -34.41 -9.37 32.23
C GLY C 350 -34.95 -10.32 31.16
N PRO C 351 -35.67 -9.76 30.19
CA PRO C 351 -36.24 -10.61 29.14
C PRO C 351 -35.16 -11.28 28.30
N VAL C 352 -35.45 -12.51 27.88
CA VAL C 352 -34.50 -13.33 27.12
C VAL C 352 -35.20 -13.84 25.86
N LEU C 353 -34.52 -13.74 24.73
CA LEU C 353 -35.05 -14.23 23.46
C LEU C 353 -34.00 -15.06 22.75
N ALA C 354 -34.45 -15.88 21.80
CA ALA C 354 -33.58 -16.74 21.01
C ALA C 354 -33.99 -16.66 19.56
N LEU C 355 -33.08 -17.06 18.67
CA LEU C 355 -33.30 -17.06 17.25
C LEU C 355 -33.42 -18.49 16.72
N ASP C 356 -34.40 -18.71 15.85
CA ASP C 356 -34.59 -20.02 15.23
C ASP C 356 -33.76 -20.10 13.95
N LYS C 357 -34.42 -20.41 12.82
CA LYS C 357 -33.79 -20.39 11.52
C LYS C 357 -34.17 -19.14 10.73
N SER C 358 -34.53 -18.07 11.43
CA SER C 358 -34.96 -16.82 10.80
C SER C 358 -34.95 -15.69 11.81
N GLY C 359 -36.08 -15.47 12.48
CA GLY C 359 -36.23 -14.37 13.42
C GLY C 359 -35.97 -14.81 14.85
N LYS C 360 -36.44 -13.99 15.80
CA LYS C 360 -36.19 -14.20 17.21
C LYS C 360 -37.51 -14.35 17.96
N LEU C 361 -37.63 -15.44 18.72
CA LEU C 361 -38.75 -15.65 19.62
C LEU C 361 -38.34 -16.47 20.83
N ASP C 362 -39.30 -17.21 21.41
CA ASP C 362 -38.99 -18.07 22.54
C ASP C 362 -39.92 -19.29 22.60
N THR C 363 -40.57 -19.64 21.50
CA THR C 363 -41.42 -20.83 21.44
C THR C 363 -40.63 -22.03 20.91
N LEU C 364 -41.14 -23.22 21.25
CA LEU C 364 -40.56 -24.53 20.90
C LEU C 364 -39.29 -24.51 20.03
BR BR D . 3.64 -0.95 -19.80
BR BR E . -8.71 3.24 37.93
#